data_8U69
#
_entry.id   8U69
#
_cell.length_a   222.739
_cell.length_b   68.211
_cell.length_c   103.509
_cell.angle_alpha   90.00
_cell.angle_beta   107.43
_cell.angle_gamma   90.00
#
_symmetry.space_group_name_H-M   'C 1 2 1'
#
loop_
_entity.id
_entity.type
_entity.pdbx_description
1 polymer 'Reverse transcriptase/ribonuclease H'
2 polymer 'p51 RT'
3 non-polymer 3-chloro-5-{4-chloro-2-[2-(5-chloro-2,4-dioxo-3,4-dihydropyrimidin-1(2H)-yl)ethoxy]phenoxy}benzonitrile
4 water water
#
loop_
_entity_poly.entity_id
_entity_poly.type
_entity_poly.pdbx_seq_one_letter_code
_entity_poly.pdbx_strand_id
1 'polypeptide(L)'
;MVPISPIETVPVKLKPGMDGPKVKQWPLTEEKIKALVEICTEMEKEGKISKIGPENPYNTPVFAIKKKDSTKWRKLVDFR
ELNKRTQDFWEVQLGIPHPAGLKKKKSVTVLDVGDAYFSVPLDEDFRKYTAFTIPSINNETPGIRYQYNVLPQGWKGSPA
IFQSSMTKILEPFAAQNPDIVIYQYMDDLYVGSDLEIGQHRTKIEELRQHLLRWGLTTPDKKHQKEPPFLWMGYELHPDK
WTVQPIVLPEKDSWTVNDIQKLVGKLNWASQIYPGIKVRQLSKLLRGTKALTEVIPLTEEAELELAENREILKEPVHGVY
YDPSKDLIAEIQKQGQGQWTYQIYQEPFKNLKTGKYARMRGAHTNDVKQLTEAVQKITTESIVIWGKTPKFKLPIQKETW
ETWWTEYWQATWIPEWEFVNTPPLVKLWYQLEKEPIVGAETFYVDGAANRETKLGKAGYVTNKGRQKVVPLTNTTNQKTE
LQAIYLALQDSGLEVNIVTDSQYALGIIQAQPDKSESELVNQIIEQLIKKEKVYLAWVPAHKGIGGNEQVDKLVSAG
;
A
2 'polypeptide(L)'
;PISPIETVPVKLKPGMDGPKVKQWPLTEEKIKALVEICTEMEKEGKISKIGPENPYNTPVFAIKKKDSTKWRKLVDFREL
NKRTQDFWEVQLGIPHPAGLKKKKSVTVLDVGDAYFSVPLDEDFRKYTAFTIPSINNETPGIRYQYNVLPQGWKGSPAIF
QSSMTKILEPFKKQNPDIVIYQYMDDLYVGSDLEIGQHRTKIEELRQHLLRWGLTTPDKKHQKEPPFLWMGYELHPDKWT
VQPIVLPEKDSWTVNDIQKLVGKLNWASQIYPGIKVRQLSKLLRGTKALTEVIPLTEEAELELAENREILKEPVHGVYYD
PSKDLIAEIQKQGQGQWTYQIYQEPFKNLKTGKYARMRGAHTNDVKQLTEAVQKITTESIVIWGKTPKFKLPIQKETWET
WWTEYWQATWIPEWEFVNTPPLVKLWYQ
;
B
#
loop_
_chem_comp.id
_chem_comp.type
_chem_comp.name
_chem_comp.formula
VQ0 non-polymer 3-chloro-5-{4-chloro-2-[2-(5-chloro-2,4-dioxo-3,4-dihydropyrimidin-1(2H)-yl)ethoxy]phenoxy}benzonitrile 'C19 H12 Cl3 N3 O4'
#
# COMPACT_ATOMS: atom_id res chain seq x y z
N ILE A 4 -44.85 3.35 -6.71
CA ILE A 4 -45.82 2.98 -7.74
C ILE A 4 -45.07 2.55 -9.00
N SER A 5 -43.78 2.35 -8.86
CA SER A 5 -42.91 1.69 -9.82
C SER A 5 -42.53 0.31 -9.28
N PRO A 6 -42.34 -0.69 -10.14
CA PRO A 6 -41.87 -1.99 -9.62
C PRO A 6 -40.50 -1.90 -8.97
N ILE A 7 -39.57 -1.18 -9.61
CA ILE A 7 -38.24 -0.99 -9.03
C ILE A 7 -38.36 -0.09 -7.81
N GLU A 8 -37.71 -0.49 -6.73
CA GLU A 8 -37.73 0.23 -5.47
C GLU A 8 -36.63 1.29 -5.47
N THR A 9 -36.96 2.47 -4.94
CA THR A 9 -36.08 3.62 -5.01
C THR A 9 -35.04 3.60 -3.89
N VAL A 10 -33.93 4.29 -4.15
CA VAL A 10 -32.88 4.52 -3.16
C VAL A 10 -33.13 5.89 -2.54
N PRO A 11 -33.15 6.01 -1.21
CA PRO A 11 -33.37 7.33 -0.60
C PRO A 11 -32.15 8.21 -0.79
N VAL A 12 -32.39 9.45 -1.21
CA VAL A 12 -31.33 10.40 -1.52
C VAL A 12 -31.50 11.63 -0.63
N LYS A 13 -30.38 12.18 -0.17
CA LYS A 13 -30.38 13.39 0.64
C LYS A 13 -29.38 14.38 0.05
N LEU A 14 -29.66 15.67 0.27
CA LEU A 14 -28.68 16.68 -0.05
C LEU A 14 -27.63 16.74 1.05
N LYS A 15 -26.47 17.26 0.70
CA LYS A 15 -25.43 17.48 1.71
C LYS A 15 -26.00 18.33 2.84
N PRO A 16 -25.68 18.02 4.10
CA PRO A 16 -26.32 18.72 5.22
C PRO A 16 -26.08 20.21 5.17
N GLY A 17 -27.17 20.97 5.26
CA GLY A 17 -27.09 22.42 5.24
C GLY A 17 -27.22 23.07 3.89
N MET A 18 -27.42 22.30 2.83
CA MET A 18 -27.59 22.83 1.49
C MET A 18 -29.04 22.66 1.03
N ASP A 19 -29.44 23.52 0.09
CA ASP A 19 -30.75 23.47 -0.53
C ASP A 19 -30.60 23.14 -2.01
N GLY A 20 -31.72 22.91 -2.68
CA GLY A 20 -31.73 22.57 -4.08
C GLY A 20 -31.29 23.73 -4.96
N PRO A 21 -30.90 23.42 -6.19
CA PRO A 21 -30.35 24.46 -7.07
C PRO A 21 -31.43 25.42 -7.55
N LYS A 22 -31.05 26.70 -7.65
CA LYS A 22 -31.93 27.74 -8.16
C LYS A 22 -31.21 28.51 -9.26
N VAL A 23 -30.89 27.79 -10.33
CA VAL A 23 -30.20 28.36 -11.49
C VAL A 23 -31.24 28.81 -12.50
N LYS A 24 -31.07 30.02 -13.03
CA LYS A 24 -32.03 30.53 -13.99
C LYS A 24 -31.75 29.98 -15.39
N GLN A 25 -32.81 29.87 -16.17
CA GLN A 25 -32.75 29.31 -17.52
C GLN A 25 -32.46 30.42 -18.53
N TRP A 26 -31.46 30.19 -19.38
CA TRP A 26 -31.14 31.17 -20.40
C TRP A 26 -32.15 31.09 -21.54
N PRO A 27 -32.53 32.22 -22.13
CA PRO A 27 -33.49 32.19 -23.25
C PRO A 27 -32.93 31.44 -24.44
N LEU A 28 -33.84 30.89 -25.24
CA LEU A 28 -33.46 30.04 -26.36
C LEU A 28 -34.30 30.38 -27.58
N THR A 29 -33.93 29.78 -28.71
CA THR A 29 -34.62 30.00 -29.98
C THR A 29 -36.01 29.38 -29.92
N GLU A 30 -36.92 29.95 -30.73
CA GLU A 30 -38.24 29.34 -30.89
C GLU A 30 -38.16 27.96 -31.52
N GLU A 31 -37.08 27.68 -32.26
CA GLU A 31 -36.90 26.35 -32.85
C GLU A 31 -36.35 25.36 -31.84
N LYS A 32 -35.47 25.81 -30.94
CA LYS A 32 -34.99 24.91 -29.88
C LYS A 32 -36.05 24.65 -28.84
N ILE A 33 -36.92 25.64 -28.58
CA ILE A 33 -38.05 25.42 -27.68
C ILE A 33 -39.00 24.40 -28.28
N LYS A 34 -39.16 24.42 -29.61
CA LYS A 34 -40.03 23.44 -30.25
C LYS A 34 -39.52 22.02 -30.04
N ALA A 35 -38.19 21.84 -29.99
CA ALA A 35 -37.64 20.52 -29.76
C ALA A 35 -37.89 20.06 -28.33
N LEU A 36 -37.72 20.96 -27.36
CA LEU A 36 -37.91 20.58 -25.96
C LEU A 36 -39.38 20.25 -25.67
N VAL A 37 -40.29 21.08 -26.16
CA VAL A 37 -41.72 20.86 -25.92
C VAL A 37 -42.14 19.48 -26.40
N GLU A 38 -41.66 19.07 -27.58
CA GLU A 38 -42.05 17.78 -28.13
C GLU A 38 -41.41 16.62 -27.37
N ILE A 39 -40.11 16.74 -27.06
CA ILE A 39 -39.43 15.70 -26.31
C ILE A 39 -40.07 15.53 -24.94
N CYS A 40 -40.47 16.64 -24.32
CA CYS A 40 -40.98 16.57 -22.96
C CYS A 40 -42.35 15.91 -22.89
N THR A 41 -43.24 16.22 -23.84
CA THR A 41 -44.55 15.58 -23.84
C THR A 41 -44.42 14.07 -24.10
N GLU A 42 -43.42 13.65 -24.86
CA GLU A 42 -43.15 12.22 -24.99
C GLU A 42 -42.59 11.66 -23.67
N MET A 43 -41.62 12.36 -23.07
CA MET A 43 -41.14 11.95 -21.76
C MET A 43 -42.25 12.01 -20.71
N GLU A 44 -43.16 12.99 -20.82
CA GLU A 44 -44.28 13.08 -19.90
C GLU A 44 -45.25 11.92 -20.11
N LYS A 45 -45.58 11.62 -21.37
CA LYS A 45 -46.43 10.47 -21.67
C LYS A 45 -45.84 9.18 -21.13
N GLU A 46 -44.52 9.05 -21.14
CA GLU A 46 -43.83 7.88 -20.65
C GLU A 46 -43.62 7.88 -19.14
N GLY A 47 -44.18 8.87 -18.43
CA GLY A 47 -44.02 8.97 -17.00
C GLY A 47 -42.66 9.39 -16.51
N LYS A 48 -41.70 9.59 -17.43
CA LYS A 48 -40.34 9.93 -17.01
C LYS A 48 -40.29 11.26 -16.29
N ILE A 49 -41.16 12.21 -16.66
CA ILE A 49 -41.18 13.53 -16.05
C ILE A 49 -42.62 13.96 -15.83
N SER A 50 -42.80 14.95 -14.96
CA SER A 50 -44.13 15.43 -14.59
C SER A 50 -44.11 16.95 -14.46
N LYS A 51 -45.21 17.58 -14.93
CA LYS A 51 -45.37 19.00 -14.74
C LYS A 51 -45.71 19.31 -13.28
N ILE A 52 -45.17 20.42 -12.77
CA ILE A 52 -45.27 20.76 -11.36
C ILE A 52 -45.91 22.12 -11.22
N GLY A 53 -46.54 22.33 -10.05
CA GLY A 53 -47.16 23.59 -9.77
C GLY A 53 -46.13 24.70 -9.60
N PRO A 54 -46.62 25.91 -9.30
CA PRO A 54 -45.71 27.05 -9.14
C PRO A 54 -44.95 27.04 -7.83
N GLU A 55 -45.38 26.24 -6.86
CA GLU A 55 -44.77 26.26 -5.53
C GLU A 55 -43.33 25.76 -5.52
N ASN A 56 -42.90 25.03 -6.54
CA ASN A 56 -41.54 24.51 -6.59
C ASN A 56 -40.56 25.64 -6.86
N PRO A 57 -39.65 25.94 -5.94
CA PRO A 57 -38.73 27.09 -6.10
C PRO A 57 -37.40 26.78 -6.76
N TYR A 58 -37.20 25.58 -7.30
CA TYR A 58 -35.89 25.17 -7.81
C TYR A 58 -35.88 25.16 -9.33
N ASN A 59 -34.68 25.31 -9.91
CA ASN A 59 -34.52 25.21 -11.34
C ASN A 59 -33.09 24.78 -11.69
N THR A 60 -32.92 24.33 -12.94
CA THR A 60 -31.70 23.76 -13.44
C THR A 60 -31.82 23.98 -14.94
N PRO A 61 -30.79 24.50 -15.60
CA PRO A 61 -30.90 24.81 -17.02
C PRO A 61 -31.07 23.58 -17.90
N VAL A 62 -31.70 23.80 -19.04
CA VAL A 62 -31.88 22.77 -20.07
C VAL A 62 -31.54 23.38 -21.42
N PHE A 63 -30.91 22.57 -22.27
CA PHE A 63 -30.52 22.99 -23.61
C PHE A 63 -30.97 21.94 -24.61
N ALA A 64 -31.04 22.35 -25.87
CA ALA A 64 -31.42 21.46 -26.97
C ALA A 64 -30.32 21.49 -28.02
N ILE A 65 -29.63 20.37 -28.19
CA ILE A 65 -28.58 20.25 -29.19
C ILE A 65 -28.95 19.17 -30.19
N LYS A 66 -28.23 19.18 -31.31
CA LYS A 66 -28.33 18.12 -32.31
C LYS A 66 -26.99 18.02 -33.01
N LYS A 67 -26.71 16.83 -33.55
CA LYS A 67 -25.48 16.57 -34.26
C LYS A 67 -25.76 16.49 -35.76
N LYS A 68 -24.83 17.04 -36.54
CA LYS A 68 -24.97 17.04 -37.99
C LYS A 68 -24.43 15.74 -38.59
N THR A 71 -31.37 13.14 -37.82
CA THR A 71 -30.85 14.11 -36.88
C THR A 71 -31.92 14.56 -35.89
N LYS A 72 -32.48 13.59 -35.16
CA LYS A 72 -33.40 13.91 -34.09
C LYS A 72 -32.67 14.61 -32.95
N TRP A 73 -33.31 15.62 -32.37
CA TRP A 73 -32.70 16.36 -31.29
C TRP A 73 -32.62 15.52 -30.02
N ARG A 74 -31.69 15.89 -29.15
CA ARG A 74 -31.57 15.32 -27.83
C ARG A 74 -31.63 16.43 -26.78
N LYS A 75 -32.23 16.12 -25.64
CA LYS A 75 -32.33 17.09 -24.56
C LYS A 75 -31.14 16.95 -23.63
N LEU A 76 -30.61 18.10 -23.20
CA LEU A 76 -29.43 18.15 -22.35
C LEU A 76 -29.74 18.98 -21.11
N VAL A 77 -29.40 18.45 -19.94
CA VAL A 77 -29.62 19.13 -18.66
C VAL A 77 -28.29 19.30 -17.95
N ASP A 78 -27.96 20.53 -17.58
CA ASP A 78 -26.71 20.82 -16.88
C ASP A 78 -26.98 20.77 -15.38
N PHE A 79 -26.71 19.62 -14.76
CA PHE A 79 -26.97 19.39 -13.35
C PHE A 79 -25.79 19.75 -12.46
N ARG A 80 -24.86 20.57 -12.94
CA ARG A 80 -23.65 20.85 -12.17
C ARG A 80 -23.96 21.39 -10.79
N GLU A 81 -24.96 22.28 -10.68
CA GLU A 81 -25.26 22.87 -9.37
C GLU A 81 -25.95 21.87 -8.46
N LEU A 82 -26.87 21.07 -9.00
CA LEU A 82 -27.50 20.03 -8.18
C LEU A 82 -26.48 18.99 -7.72
N ASN A 83 -25.57 18.60 -8.63
CA ASN A 83 -24.56 17.62 -8.29
C ASN A 83 -23.72 18.07 -7.10
N LYS A 84 -23.37 19.36 -7.07
CA LYS A 84 -22.57 19.88 -5.97
C LYS A 84 -23.29 19.73 -4.63
N ARG A 85 -24.61 19.80 -4.64
CA ARG A 85 -25.40 19.78 -3.42
C ARG A 85 -25.89 18.38 -3.06
N THR A 86 -25.73 17.41 -3.95
CA THR A 86 -26.15 16.04 -3.69
C THR A 86 -25.10 15.31 -2.87
N GLN A 87 -25.56 14.45 -1.97
CA GLN A 87 -24.68 13.63 -1.14
C GLN A 87 -23.77 12.76 -2.03
N ASP A 88 -22.73 12.24 -1.40
CA ASP A 88 -21.86 11.28 -2.05
C ASP A 88 -22.52 9.91 -2.10
N PHE A 89 -22.10 9.11 -3.06
CA PHE A 89 -22.58 7.74 -3.22
C PHE A 89 -21.40 6.78 -3.22
N TRP A 90 -21.70 5.50 -3.04
CA TRP A 90 -20.68 4.48 -3.17
C TRP A 90 -20.10 4.54 -4.58
N GLU A 91 -18.77 4.55 -4.66
N GLU A 91 -18.76 4.49 -4.65
CA GLU A 91 -18.11 4.77 -5.93
CA GLU A 91 -18.07 4.59 -5.93
C GLU A 91 -18.38 3.62 -6.88
C GLU A 91 -18.50 3.47 -6.86
N VAL A 92 -18.84 3.95 -8.09
N VAL A 92 -18.89 3.85 -8.09
CA VAL A 92 -19.06 2.96 -9.13
CA VAL A 92 -19.33 2.88 -9.08
C VAL A 92 -17.71 2.40 -9.55
C VAL A 92 -18.19 1.96 -9.51
N GLN A 93 -17.71 1.33 -10.33
N GLN A 93 -16.96 2.41 -9.34
CA GLN A 93 -16.49 0.65 -10.74
CA GLN A 93 -15.71 1.69 -9.62
C GLN A 93 -15.48 1.61 -11.36
C GLN A 93 -15.27 1.85 -11.08
N LEU A 94 -14.47 2.01 -10.59
N LEU A 94 -14.05 2.35 -11.27
CA LEU A 94 -13.36 2.78 -11.15
CA LEU A 94 -13.44 2.49 -12.59
C LEU A 94 -12.57 1.92 -12.12
C LEU A 94 -12.39 1.41 -12.85
N GLY A 95 -12.21 0.70 -11.71
N GLY A 95 -12.44 0.30 -12.12
CA GLY A 95 -11.53 -0.21 -12.60
CA GLY A 95 -11.37 -0.68 -12.20
C GLY A 95 -12.50 -0.99 -13.47
C GLY A 95 -11.24 -1.34 -13.55
N ILE A 96 -11.97 -1.57 -14.54
N ILE A 96 -12.39 -1.68 -14.15
CA ILE A 96 -12.75 -2.41 -15.45
CA ILE A 96 -12.50 -2.36 -15.45
C ILE A 96 -12.03 -3.74 -15.59
C ILE A 96 -11.98 -3.80 -15.35
N PRO A 97 -12.74 -4.80 -15.99
N PRO A 97 -12.65 -4.76 -15.98
CA PRO A 97 -12.10 -6.11 -16.08
CA PRO A 97 -12.08 -6.11 -16.08
C PRO A 97 -10.98 -6.13 -17.12
C PRO A 97 -10.98 -6.16 -17.13
N HIS A 98 -9.94 -6.91 -16.81
CA HIS A 98 -8.88 -7.07 -17.81
C HIS A 98 -9.17 -8.30 -18.67
N PRO A 99 -9.11 -8.18 -19.99
CA PRO A 99 -9.45 -9.32 -20.86
C PRO A 99 -8.69 -10.59 -20.54
N ALA A 100 -7.45 -10.49 -20.08
CA ALA A 100 -6.69 -11.68 -19.71
C ALA A 100 -7.21 -12.36 -18.44
N GLY A 101 -8.20 -11.78 -17.76
CA GLY A 101 -8.76 -12.39 -16.57
C GLY A 101 -10.07 -13.11 -16.87
N LEU A 102 -10.66 -12.79 -18.01
CA LEU A 102 -11.90 -13.44 -18.41
C LEU A 102 -11.66 -14.93 -18.68
N LYS A 103 -12.58 -15.76 -18.20
CA LYS A 103 -12.53 -17.20 -18.43
C LYS A 103 -13.18 -17.53 -19.77
N LYS A 104 -12.53 -18.43 -20.52
CA LYS A 104 -13.01 -18.80 -21.84
C LYS A 104 -14.41 -19.42 -21.75
N LYS A 105 -15.31 -18.96 -22.60
CA LYS A 105 -16.70 -19.39 -22.60
C LYS A 105 -17.12 -19.85 -23.98
N LYS A 106 -17.97 -20.89 -24.01
CA LYS A 106 -18.44 -21.42 -25.29
C LYS A 106 -19.19 -20.35 -26.08
N SER A 107 -20.08 -19.61 -25.41
CA SER A 107 -20.84 -18.55 -26.05
C SER A 107 -20.82 -17.33 -25.16
N VAL A 108 -20.78 -16.15 -25.79
CA VAL A 108 -20.73 -14.88 -25.09
C VAL A 108 -21.69 -13.91 -25.77
N THR A 109 -22.53 -13.24 -24.98
CA THR A 109 -23.52 -12.32 -25.50
C THR A 109 -23.33 -10.95 -24.85
N VAL A 110 -23.41 -9.91 -25.67
CA VAL A 110 -23.30 -8.52 -25.21
C VAL A 110 -24.65 -7.85 -25.40
N LEU A 111 -25.23 -7.38 -24.29
CA LEU A 111 -26.51 -6.68 -24.30
C LEU A 111 -26.32 -5.29 -23.72
N ASP A 112 -26.84 -4.27 -24.40
CA ASP A 112 -26.86 -2.91 -23.90
C ASP A 112 -28.29 -2.53 -23.53
N VAL A 113 -28.43 -1.80 -22.43
CA VAL A 113 -29.74 -1.40 -21.93
C VAL A 113 -30.09 -0.04 -22.52
N GLY A 114 -31.24 0.06 -23.17
CA GLY A 114 -31.67 1.32 -23.75
C GLY A 114 -32.42 2.16 -22.72
N ASP A 115 -32.15 3.47 -22.75
CA ASP A 115 -32.71 4.41 -21.78
C ASP A 115 -32.54 3.89 -20.35
N ALA A 116 -31.32 3.44 -20.06
CA ALA A 116 -31.02 2.77 -18.80
C ALA A 116 -31.45 3.60 -17.60
N TYR A 117 -30.95 4.83 -17.52
CA TYR A 117 -31.27 5.68 -16.38
C TYR A 117 -32.75 6.07 -16.34
N PHE A 118 -33.38 6.25 -17.50
CA PHE A 118 -34.78 6.63 -17.57
C PHE A 118 -35.73 5.48 -17.23
N SER A 119 -35.22 4.27 -17.04
CA SER A 119 -36.02 3.11 -16.68
C SER A 119 -35.99 2.82 -15.19
N VAL A 120 -35.39 3.70 -14.39
CA VAL A 120 -35.29 3.50 -12.95
C VAL A 120 -35.93 4.66 -12.20
N PRO A 121 -36.84 4.41 -11.25
CA PRO A 121 -37.49 5.52 -10.55
C PRO A 121 -36.52 6.27 -9.65
N LEU A 122 -36.83 7.54 -9.42
CA LEU A 122 -36.07 8.42 -8.54
C LEU A 122 -36.85 8.65 -7.26
N ASP A 123 -36.14 8.65 -6.13
CA ASP A 123 -36.73 8.87 -4.81
C ASP A 123 -37.70 10.06 -4.84
N GLU A 124 -38.90 9.84 -4.30
CA GLU A 124 -39.97 10.82 -4.42
C GLU A 124 -39.57 12.15 -3.77
N ASP A 125 -39.03 12.10 -2.55
CA ASP A 125 -38.71 13.32 -1.83
C ASP A 125 -37.60 14.13 -2.49
N PHE A 126 -36.80 13.51 -3.37
CA PHE A 126 -35.73 14.20 -4.06
C PHE A 126 -36.16 14.82 -5.38
N ARG A 127 -37.35 14.48 -5.88
CA ARG A 127 -37.75 14.90 -7.22
C ARG A 127 -37.91 16.41 -7.33
N LYS A 128 -38.27 17.08 -6.23
CA LYS A 128 -38.46 18.53 -6.27
C LYS A 128 -37.21 19.24 -6.77
N TYR A 129 -36.04 18.75 -6.39
CA TYR A 129 -34.77 19.40 -6.72
C TYR A 129 -34.36 19.21 -8.17
N THR A 130 -35.13 18.48 -8.98
CA THR A 130 -34.83 18.27 -10.39
C THR A 130 -35.62 19.20 -11.30
N ALA A 131 -36.34 20.17 -10.74
CA ALA A 131 -37.20 21.03 -11.54
C ALA A 131 -36.39 21.78 -12.59
N PHE A 132 -36.97 21.87 -13.80
CA PHE A 132 -36.38 22.62 -14.90
C PHE A 132 -37.51 23.29 -15.67
N THR A 133 -37.14 24.15 -16.62
CA THR A 133 -38.09 25.04 -17.27
C THR A 133 -37.79 25.15 -18.76
N ILE A 134 -38.79 24.87 -19.58
CA ILE A 134 -38.74 25.24 -21.00
C ILE A 134 -39.11 26.71 -21.12
N PRO A 135 -38.29 27.54 -21.73
CA PRO A 135 -38.60 28.97 -21.78
C PRO A 135 -39.72 29.27 -22.77
N SER A 136 -40.52 30.27 -22.42
CA SER A 136 -41.50 30.80 -23.35
C SER A 136 -40.83 31.75 -24.34
N ILE A 137 -41.48 31.94 -25.48
CA ILE A 137 -40.89 32.72 -26.57
C ILE A 137 -40.79 34.17 -26.12
N ASN A 138 -39.55 34.64 -25.92
CA ASN A 138 -39.27 36.03 -25.53
C ASN A 138 -39.99 36.42 -24.25
N ASN A 139 -40.04 35.47 -23.30
CA ASN A 139 -40.69 35.67 -22.00
C ASN A 139 -42.13 36.15 -22.14
N GLU A 140 -42.78 35.78 -23.25
CA GLU A 140 -44.16 36.19 -23.48
C GLU A 140 -45.09 35.64 -22.40
N THR A 141 -44.78 34.46 -21.88
CA THR A 141 -45.60 33.81 -20.87
C THR A 141 -44.69 33.13 -19.84
N PRO A 142 -45.24 32.62 -18.74
CA PRO A 142 -44.42 31.75 -17.88
C PRO A 142 -43.98 30.50 -18.62
N GLY A 143 -42.79 30.03 -18.29
CA GLY A 143 -42.30 28.79 -18.84
C GLY A 143 -43.01 27.60 -18.20
N ILE A 144 -42.85 26.44 -18.84
CA ILE A 144 -43.48 25.21 -18.38
C ILE A 144 -42.55 24.55 -17.37
N ARG A 145 -43.08 24.28 -16.19
CA ARG A 145 -42.31 23.67 -15.11
C ARG A 145 -42.47 22.16 -15.15
N TYR A 146 -41.35 21.45 -15.25
CA TYR A 146 -41.31 20.00 -15.18
C TYR A 146 -40.44 19.58 -14.00
N GLN A 147 -40.52 18.29 -13.67
CA GLN A 147 -39.56 17.67 -12.77
C GLN A 147 -39.39 16.22 -13.20
N TYR A 148 -38.30 15.61 -12.74
CA TYR A 148 -37.98 14.24 -13.12
C TYR A 148 -38.59 13.26 -12.13
N ASN A 149 -39.08 12.13 -12.66
CA ASN A 149 -39.49 11.00 -11.85
C ASN A 149 -38.54 9.82 -11.95
N VAL A 150 -37.58 9.87 -12.88
CA VAL A 150 -36.61 8.82 -13.08
C VAL A 150 -35.21 9.41 -12.92
N LEU A 151 -34.20 8.54 -12.95
CA LEU A 151 -32.80 8.94 -12.83
C LEU A 151 -32.43 9.86 -13.99
N PRO A 152 -32.14 11.12 -13.73
CA PRO A 152 -31.76 12.02 -14.82
C PRO A 152 -30.36 11.73 -15.33
N GLN A 153 -30.17 11.88 -16.63
CA GLN A 153 -28.85 11.72 -17.20
C GLN A 153 -27.97 12.89 -16.82
N GLY A 154 -26.78 12.61 -16.31
CA GLY A 154 -25.88 13.65 -15.88
C GLY A 154 -26.00 14.04 -14.42
N TRP A 155 -26.87 13.37 -13.66
CA TRP A 155 -26.98 13.61 -12.23
C TRP A 155 -25.96 12.74 -11.51
N LYS A 156 -25.51 13.24 -10.35
CA LYS A 156 -24.43 12.59 -9.61
C LYS A 156 -24.79 11.15 -9.22
N GLY A 157 -26.03 10.94 -8.78
CA GLY A 157 -26.38 9.64 -8.24
C GLY A 157 -26.82 8.60 -9.23
N SER A 158 -27.02 8.98 -10.50
CA SER A 158 -27.60 8.06 -11.48
C SER A 158 -26.77 6.80 -11.70
N PRO A 159 -25.44 6.86 -11.90
CA PRO A 159 -24.72 5.61 -12.20
C PRO A 159 -24.75 4.60 -11.07
N ALA A 160 -24.59 5.05 -9.82
CA ALA A 160 -24.57 4.12 -8.69
C ALA A 160 -25.94 3.51 -8.43
N ILE A 161 -27.00 4.32 -8.52
CA ILE A 161 -28.35 3.81 -8.25
C ILE A 161 -28.83 2.90 -9.36
N PHE A 162 -28.43 3.17 -10.61
CA PHE A 162 -28.76 2.26 -11.70
C PHE A 162 -28.08 0.91 -11.50
N GLN A 163 -26.78 0.93 -11.17
CA GLN A 163 -26.03 -0.31 -11.01
C GLN A 163 -26.63 -1.20 -9.91
N SER A 164 -26.99 -0.58 -8.78
CA SER A 164 -27.62 -1.35 -7.69
C SER A 164 -28.99 -1.86 -8.10
N SER A 165 -29.79 -1.03 -8.79
CA SER A 165 -31.10 -1.47 -9.25
C SER A 165 -30.97 -2.63 -10.23
N MET A 166 -29.98 -2.56 -11.13
CA MET A 166 -29.75 -3.67 -12.05
C MET A 166 -29.32 -4.93 -11.29
N THR A 167 -28.48 -4.76 -10.26
CA THR A 167 -28.06 -5.91 -9.47
C THR A 167 -29.25 -6.64 -8.86
N LYS A 168 -30.14 -5.90 -8.20
CA LYS A 168 -31.30 -6.51 -7.57
C LYS A 168 -32.25 -7.10 -8.61
N ILE A 169 -32.46 -6.39 -9.72
CA ILE A 169 -33.30 -6.90 -10.80
C ILE A 169 -32.73 -8.22 -11.33
N LEU A 170 -31.41 -8.35 -11.36
CA LEU A 170 -30.77 -9.55 -11.88
C LEU A 170 -30.81 -10.73 -10.91
N GLU A 171 -31.03 -10.49 -9.62
CA GLU A 171 -30.91 -11.55 -8.62
C GLU A 171 -31.94 -12.65 -8.78
N PRO A 172 -33.21 -12.36 -9.09
CA PRO A 172 -34.16 -13.47 -9.37
C PRO A 172 -33.73 -14.34 -10.54
N PHE A 173 -33.41 -13.75 -11.69
CA PHE A 173 -32.99 -14.54 -12.85
C PHE A 173 -31.71 -15.32 -12.57
N ALA A 174 -30.78 -14.71 -11.82
CA ALA A 174 -29.51 -15.37 -11.55
C ALA A 174 -29.67 -16.62 -10.70
N ALA A 175 -30.70 -16.66 -9.85
CA ALA A 175 -30.95 -17.86 -9.07
C ALA A 175 -31.43 -19.00 -9.95
N GLN A 176 -32.42 -18.75 -10.80
CA GLN A 176 -33.00 -19.78 -11.66
C GLN A 176 -32.10 -20.15 -12.82
N ASN A 177 -30.93 -19.53 -12.92
CA ASN A 177 -29.99 -19.88 -13.97
C ASN A 177 -28.54 -19.84 -13.47
N PRO A 178 -28.12 -20.75 -12.60
CA PRO A 178 -26.79 -20.62 -11.98
C PRO A 178 -25.62 -20.73 -12.95
N ASP A 179 -25.77 -21.48 -14.04
CA ASP A 179 -24.67 -21.66 -14.98
C ASP A 179 -24.45 -20.43 -15.85
N ILE A 180 -25.47 -19.61 -16.07
CA ILE A 180 -25.30 -18.38 -16.82
C ILE A 180 -24.50 -17.38 -15.99
N VAL A 181 -23.52 -16.73 -16.62
CA VAL A 181 -22.66 -15.76 -15.96
C VAL A 181 -22.93 -14.39 -16.55
N ILE A 182 -23.19 -13.41 -15.68
CA ILE A 182 -23.53 -12.05 -16.08
C ILE A 182 -22.53 -11.09 -15.45
N TYR A 183 -21.89 -10.27 -16.28
CA TYR A 183 -21.04 -9.18 -15.83
C TYR A 183 -21.73 -7.85 -16.10
N GLN A 184 -21.59 -6.92 -15.17
CA GLN A 184 -22.19 -5.60 -15.29
C GLN A 184 -21.11 -4.56 -15.55
N TYR A 185 -21.36 -3.68 -16.51
CA TYR A 185 -20.51 -2.50 -16.71
C TYR A 185 -21.34 -1.43 -17.39
N MET A 186 -21.55 -0.31 -16.71
CA MET A 186 -22.29 0.84 -17.23
C MET A 186 -23.66 0.36 -17.68
N ASP A 187 -24.13 0.67 -18.90
CA ASP A 187 -25.42 0.22 -19.39
C ASP A 187 -25.34 -1.14 -20.08
N ASP A 188 -24.26 -1.88 -19.86
CA ASP A 188 -24.04 -3.14 -20.56
C ASP A 188 -24.17 -4.32 -19.62
N LEU A 189 -24.60 -5.45 -20.18
CA LEU A 189 -24.49 -6.76 -19.57
C LEU A 189 -23.72 -7.65 -20.53
N TYR A 190 -22.73 -8.37 -19.99
CA TYR A 190 -21.93 -9.30 -20.78
C TYR A 190 -22.20 -10.70 -20.26
N VAL A 191 -22.95 -11.49 -21.03
CA VAL A 191 -23.46 -12.78 -20.60
C VAL A 191 -22.66 -13.88 -21.28
N GLY A 192 -22.21 -14.85 -20.50
CA GLY A 192 -21.43 -15.96 -21.02
C GLY A 192 -21.92 -17.27 -20.45
N SER A 193 -22.05 -18.26 -21.32
CA SER A 193 -22.39 -19.62 -20.90
C SER A 193 -21.55 -20.61 -21.69
N ASP A 194 -21.33 -21.78 -21.10
CA ASP A 194 -20.77 -22.93 -21.80
C ASP A 194 -21.86 -23.90 -22.24
N LEU A 195 -23.09 -23.41 -22.41
CA LEU A 195 -24.21 -24.18 -22.92
C LEU A 195 -24.24 -24.12 -24.44
N GLU A 196 -25.13 -24.92 -25.02
CA GLU A 196 -25.24 -24.97 -26.47
C GLU A 196 -25.74 -23.63 -27.00
N ILE A 197 -25.23 -23.27 -28.20
CA ILE A 197 -25.52 -21.97 -28.79
C ILE A 197 -27.02 -21.71 -28.81
N GLY A 198 -27.80 -22.71 -29.23
CA GLY A 198 -29.25 -22.58 -29.15
C GLY A 198 -29.77 -22.44 -27.72
N GLN A 199 -29.35 -23.36 -26.84
CA GLN A 199 -29.73 -23.29 -25.43
C GLN A 199 -29.35 -21.94 -24.82
N HIS A 200 -28.09 -21.54 -24.94
CA HIS A 200 -27.67 -20.18 -24.58
C HIS A 200 -28.56 -19.12 -25.21
N ARG A 201 -28.85 -19.24 -26.51
CA ARG A 201 -29.72 -18.27 -27.19
C ARG A 201 -31.13 -18.25 -26.59
N THR A 202 -31.64 -19.41 -26.16
CA THR A 202 -32.93 -19.42 -25.47
C THR A 202 -32.85 -18.65 -24.15
N LYS A 203 -31.80 -18.90 -23.36
CA LYS A 203 -31.66 -18.23 -22.07
C LYS A 203 -31.54 -16.72 -22.21
N ILE A 204 -30.78 -16.25 -23.20
CA ILE A 204 -30.68 -14.81 -23.45
C ILE A 204 -32.07 -14.22 -23.67
N GLU A 205 -32.88 -14.86 -24.52
CA GLU A 205 -34.23 -14.36 -24.79
C GLU A 205 -35.08 -14.36 -23.52
N GLU A 206 -34.84 -15.28 -22.60
CA GLU A 206 -35.55 -15.26 -21.34
C GLU A 206 -35.16 -14.05 -20.51
N LEU A 207 -33.86 -13.83 -20.33
CA LEU A 207 -33.38 -12.69 -19.57
C LEU A 207 -33.89 -11.38 -20.16
N ARG A 208 -34.00 -11.30 -21.49
CA ARG A 208 -34.52 -10.11 -22.13
C ARG A 208 -35.94 -9.82 -21.65
N GLN A 209 -36.79 -10.85 -21.61
CA GLN A 209 -38.16 -10.67 -21.13
C GLN A 209 -38.19 -10.39 -19.63
N HIS A 210 -37.31 -11.05 -18.87
CA HIS A 210 -37.21 -10.76 -17.44
C HIS A 210 -36.86 -9.30 -17.20
N LEU A 211 -35.97 -8.75 -18.03
CA LEU A 211 -35.62 -7.33 -17.90
C LEU A 211 -36.76 -6.44 -18.42
N LEU A 212 -37.40 -6.83 -19.52
CA LEU A 212 -38.51 -6.05 -20.05
C LEU A 212 -39.66 -5.99 -19.06
N ARG A 213 -39.89 -7.06 -18.31
CA ARG A 213 -40.93 -7.03 -17.26
C ARG A 213 -40.60 -6.00 -16.19
N TRP A 214 -39.31 -5.78 -15.91
CA TRP A 214 -38.88 -4.72 -15.01
C TRP A 214 -38.70 -3.39 -15.74
N GLY A 215 -38.90 -3.36 -17.05
CA GLY A 215 -38.84 -2.13 -17.81
C GLY A 215 -37.55 -1.85 -18.55
N LEU A 216 -36.68 -2.86 -18.71
CA LEU A 216 -35.34 -2.66 -19.25
C LEU A 216 -35.30 -3.16 -20.69
N THR A 217 -35.22 -2.23 -21.65
CA THR A 217 -35.14 -2.60 -23.05
C THR A 217 -33.78 -3.21 -23.36
N THR A 218 -33.78 -4.23 -24.22
CA THR A 218 -32.59 -4.95 -24.61
C THR A 218 -32.69 -5.27 -26.10
N PRO A 219 -31.56 -5.47 -26.78
CA PRO A 219 -31.59 -5.71 -28.22
C PRO A 219 -32.03 -7.12 -28.57
N ASP A 220 -32.58 -7.24 -29.79
CA ASP A 220 -33.02 -8.53 -30.30
C ASP A 220 -31.84 -9.28 -30.92
N LYS A 221 -32.08 -10.53 -31.33
CA LYS A 221 -31.01 -11.37 -31.86
C LYS A 221 -30.41 -10.79 -33.14
N LYS A 222 -31.19 -10.00 -33.89
CA LYS A 222 -30.68 -9.38 -35.10
C LYS A 222 -29.95 -8.07 -34.84
N HIS A 223 -30.24 -7.40 -33.72
CA HIS A 223 -29.59 -6.16 -33.37
C HIS A 223 -28.49 -6.33 -32.33
N GLN A 224 -28.26 -7.55 -31.85
CA GLN A 224 -27.18 -7.79 -30.91
C GLN A 224 -25.84 -7.73 -31.60
N LYS A 225 -24.88 -7.09 -30.95
CA LYS A 225 -23.52 -7.00 -31.49
C LYS A 225 -22.92 -8.39 -31.61
N GLU A 226 -21.98 -8.53 -32.54
CA GLU A 226 -21.30 -9.79 -32.80
C GLU A 226 -19.80 -9.59 -32.69
N PRO A 227 -19.05 -10.65 -32.38
CA PRO A 227 -17.59 -10.52 -32.31
C PRO A 227 -17.03 -10.12 -33.65
N PRO A 228 -15.92 -9.36 -33.67
CA PRO A 228 -15.11 -8.93 -32.52
C PRO A 228 -15.66 -7.69 -31.81
N PHE A 229 -15.56 -7.63 -30.49
CA PHE A 229 -16.12 -6.53 -29.72
C PHE A 229 -15.07 -5.46 -29.47
N LEU A 230 -15.39 -4.23 -29.86
CA LEU A 230 -14.54 -3.07 -29.54
C LEU A 230 -14.94 -2.59 -28.15
N TRP A 231 -14.24 -3.09 -27.14
CA TRP A 231 -14.60 -2.83 -25.75
C TRP A 231 -13.44 -2.16 -25.03
N MET A 232 -13.62 -0.88 -24.70
CA MET A 232 -12.71 -0.13 -23.83
C MET A 232 -11.26 -0.22 -24.32
N GLY A 233 -11.07 0.05 -25.62
CA GLY A 233 -9.74 0.02 -26.18
C GLY A 233 -9.17 -1.36 -26.41
N TYR A 234 -10.02 -2.40 -26.41
CA TYR A 234 -9.61 -3.76 -26.70
C TYR A 234 -10.36 -4.29 -27.91
N GLU A 235 -9.82 -5.36 -28.48
CA GLU A 235 -10.53 -6.21 -29.42
C GLU A 235 -10.74 -7.56 -28.74
N LEU A 236 -12.00 -7.95 -28.57
CA LEU A 236 -12.35 -9.24 -28.00
C LEU A 236 -12.83 -10.16 -29.11
N HIS A 237 -12.02 -11.12 -29.47
CA HIS A 237 -12.38 -12.20 -30.38
C HIS A 237 -12.83 -13.41 -29.59
N PRO A 238 -13.51 -14.38 -30.24
CA PRO A 238 -13.99 -15.55 -29.48
C PRO A 238 -12.88 -16.32 -28.76
N ASP A 239 -11.66 -16.34 -29.30
CA ASP A 239 -10.57 -17.07 -28.67
C ASP A 239 -9.31 -16.22 -28.51
N LYS A 240 -9.43 -14.90 -28.61
CA LYS A 240 -8.25 -14.04 -28.52
C LYS A 240 -8.66 -12.63 -28.14
N TRP A 241 -7.74 -11.93 -27.49
CA TRP A 241 -7.89 -10.51 -27.21
C TRP A 241 -6.62 -9.79 -27.61
N THR A 242 -6.78 -8.54 -28.03
CA THR A 242 -5.66 -7.65 -28.28
C THR A 242 -6.15 -6.22 -28.09
N VAL A 243 -5.21 -5.28 -28.07
CA VAL A 243 -5.59 -3.88 -27.95
C VAL A 243 -6.05 -3.39 -29.32
N GLN A 244 -6.70 -2.24 -29.35
CA GLN A 244 -7.06 -1.61 -30.60
C GLN A 244 -5.82 -0.94 -31.21
N PRO A 245 -5.83 -0.67 -32.52
CA PRO A 245 -4.58 -0.32 -33.20
C PRO A 245 -3.94 0.95 -32.63
N ILE A 246 -2.63 0.87 -32.41
CA ILE A 246 -1.84 1.99 -31.88
C ILE A 246 -1.35 2.84 -33.05
N VAL A 247 -1.43 4.16 -32.91
CA VAL A 247 -1.00 5.11 -33.93
C VAL A 247 -0.06 6.09 -33.25
N LEU A 248 1.23 5.77 -33.23
CA LEU A 248 2.24 6.67 -32.69
C LEU A 248 2.57 7.73 -33.74
N PRO A 249 2.30 9.01 -33.48
CA PRO A 249 2.48 10.02 -34.53
C PRO A 249 3.95 10.30 -34.81
N GLU A 250 4.21 10.74 -36.04
CA GLU A 250 5.50 11.27 -36.45
C GLU A 250 5.42 12.79 -36.43
N LYS A 251 6.33 13.43 -35.69
CA LYS A 251 6.32 14.88 -35.56
C LYS A 251 7.74 15.43 -35.62
N ASP A 252 7.87 16.64 -36.16
CA ASP A 252 9.16 17.32 -36.17
C ASP A 252 9.49 17.96 -34.82
N SER A 253 8.47 18.41 -34.10
CA SER A 253 8.64 18.98 -32.77
C SER A 253 7.56 18.43 -31.86
N TRP A 254 7.90 18.20 -30.59
CA TRP A 254 7.03 17.54 -29.64
C TRP A 254 6.75 18.46 -28.47
N THR A 255 5.47 18.66 -28.16
CA THR A 255 5.08 19.34 -26.94
C THR A 255 5.08 18.35 -25.78
N VAL A 256 5.03 18.89 -24.56
CA VAL A 256 4.88 18.04 -23.38
C VAL A 256 3.63 17.19 -23.50
N ASN A 257 2.53 17.79 -23.97
CA ASN A 257 1.30 17.05 -24.18
C ASN A 257 1.47 15.96 -25.22
N ASP A 258 2.24 16.24 -26.28
CA ASP A 258 2.49 15.22 -27.30
C ASP A 258 3.17 14.00 -26.71
N ILE A 259 4.13 14.22 -25.81
CA ILE A 259 4.86 13.10 -25.21
C ILE A 259 3.97 12.35 -24.22
N GLN A 260 3.12 13.06 -23.49
CA GLN A 260 2.23 12.40 -22.54
C GLN A 260 1.21 11.52 -23.25
N LYS A 261 0.68 11.98 -24.38
CA LYS A 261 -0.13 11.11 -25.22
C LYS A 261 0.67 9.89 -25.66
N LEU A 262 1.95 10.09 -25.99
CA LEU A 262 2.76 9.02 -26.57
C LEU A 262 3.07 7.93 -25.56
N VAL A 263 3.53 8.32 -24.37
CA VAL A 263 3.82 7.32 -23.33
C VAL A 263 2.54 6.62 -22.91
N GLY A 264 1.40 7.29 -22.98
CA GLY A 264 0.14 6.65 -22.67
C GLY A 264 -0.20 5.52 -23.63
N LYS A 265 -0.07 5.80 -24.94
CA LYS A 265 -0.32 4.76 -25.94
C LYS A 265 0.71 3.63 -25.82
N LEU A 266 1.96 3.97 -25.54
CA LEU A 266 2.99 2.94 -25.36
C LEU A 266 2.71 2.10 -24.12
N ASN A 267 2.35 2.76 -23.01
CA ASN A 267 1.90 2.03 -21.83
C ASN A 267 0.76 1.09 -22.17
N TRP A 268 -0.19 1.58 -22.97
CA TRP A 268 -1.33 0.76 -23.35
C TRP A 268 -0.90 -0.45 -24.18
N ALA A 269 0.10 -0.27 -25.04
CA ALA A 269 0.61 -1.39 -25.83
C ALA A 269 1.39 -2.38 -24.99
N SER A 270 1.92 -1.96 -23.84
CA SER A 270 2.77 -2.82 -23.04
C SER A 270 2.05 -4.06 -22.52
N GLN A 271 0.71 -4.06 -22.49
CA GLN A 271 -0.01 -5.17 -21.87
C GLN A 271 0.00 -6.40 -22.77
N ILE A 272 0.17 -6.21 -24.08
CA ILE A 272 0.17 -7.37 -24.98
C ILE A 272 1.40 -7.38 -25.88
N TYR A 273 1.98 -6.20 -26.15
CA TYR A 273 3.16 -6.12 -27.01
C TYR A 273 4.41 -6.25 -26.16
N PRO A 274 5.18 -7.33 -26.27
CA PRO A 274 6.36 -7.48 -25.42
C PRO A 274 7.49 -6.56 -25.84
N GLY A 275 8.20 -6.03 -24.85
CA GLY A 275 9.40 -5.27 -25.11
C GLY A 275 9.25 -3.77 -25.21
N ILE A 276 8.05 -3.23 -24.94
CA ILE A 276 7.87 -1.79 -24.98
C ILE A 276 8.69 -1.13 -23.88
N LYS A 277 9.35 -0.03 -24.24
CA LYS A 277 10.16 0.75 -23.30
C LYS A 277 9.75 2.22 -23.41
N VAL A 278 9.66 2.89 -22.26
CA VAL A 278 9.15 4.26 -22.20
C VAL A 278 9.97 5.14 -21.28
N ARG A 279 11.07 4.62 -20.74
CA ARG A 279 11.81 5.37 -19.73
CA ARG A 279 11.82 5.36 -19.72
C ARG A 279 12.43 6.64 -20.31
N GLN A 280 13.24 6.51 -21.36
CA GLN A 280 13.92 7.66 -21.94
C GLN A 280 12.93 8.74 -22.38
N LEU A 281 11.82 8.33 -23.01
CA LEU A 281 10.77 9.29 -23.34
C LEU A 281 10.15 9.91 -22.09
N SER A 282 9.95 9.10 -21.03
CA SER A 282 9.36 9.62 -19.81
C SER A 282 10.27 10.63 -19.12
N LYS A 283 11.59 10.40 -19.16
CA LYS A 283 12.52 11.34 -18.54
C LYS A 283 12.38 12.75 -19.10
N LEU A 284 11.93 12.87 -20.35
CA LEU A 284 11.74 14.20 -20.94
C LEU A 284 10.72 15.01 -20.16
N LEU A 285 9.69 14.35 -19.63
CA LEU A 285 8.64 15.02 -18.87
C LEU A 285 9.04 15.37 -17.43
N ARG A 286 10.30 15.11 -17.05
CA ARG A 286 10.75 15.45 -15.70
C ARG A 286 10.70 16.95 -15.50
N GLY A 287 9.89 17.40 -14.55
CA GLY A 287 9.71 18.81 -14.33
C GLY A 287 9.02 19.53 -15.46
N THR A 288 8.20 18.82 -16.24
CA THR A 288 7.49 19.40 -17.36
C THR A 288 6.54 20.50 -16.88
N LYS A 289 6.91 21.77 -17.13
CA LYS A 289 6.13 22.88 -16.61
C LYS A 289 4.76 22.96 -17.27
N ALA A 290 4.72 23.14 -18.59
CA ALA A 290 3.48 23.40 -19.31
C ALA A 290 3.29 22.39 -20.42
N LEU A 291 2.02 22.08 -20.70
CA LEU A 291 1.69 21.12 -21.75
C LEU A 291 2.13 21.60 -23.12
N THR A 292 2.12 22.91 -23.35
CA THR A 292 2.50 23.47 -24.64
C THR A 292 4.01 23.62 -24.80
N GLU A 293 4.79 23.30 -23.77
CA GLU A 293 6.23 23.47 -23.84
C GLU A 293 6.85 22.46 -24.80
N VAL A 294 7.67 22.96 -25.72
CA VAL A 294 8.35 22.11 -26.69
C VAL A 294 9.53 21.42 -26.00
N ILE A 295 9.64 20.11 -26.20
CA ILE A 295 10.69 19.30 -25.57
C ILE A 295 11.60 18.78 -26.69
N PRO A 296 12.88 19.13 -26.69
CA PRO A 296 13.81 18.52 -27.64
C PRO A 296 13.99 17.04 -27.32
N LEU A 297 13.83 16.20 -28.34
CA LEU A 297 13.95 14.77 -28.14
C LEU A 297 15.41 14.37 -27.95
N THR A 298 15.67 13.55 -26.94
CA THR A 298 16.99 13.00 -26.72
C THR A 298 17.29 11.94 -27.79
N GLU A 299 18.57 11.77 -28.10
CA GLU A 299 18.98 10.65 -28.95
C GLU A 299 18.51 9.33 -28.36
N GLU A 300 18.52 9.20 -27.04
CA GLU A 300 18.04 7.98 -26.40
C GLU A 300 16.52 7.85 -26.55
N ALA A 301 15.80 8.96 -26.49
CA ALA A 301 14.35 8.92 -26.68
C ALA A 301 14.00 8.59 -28.13
N GLU A 302 14.79 9.08 -29.08
CA GLU A 302 14.57 8.75 -30.48
C GLU A 302 14.74 7.26 -30.74
N LEU A 303 15.81 6.67 -30.19
CA LEU A 303 16.03 5.23 -30.37
C LEU A 303 14.95 4.41 -29.67
N GLU A 304 14.56 4.81 -28.46
CA GLU A 304 13.47 4.13 -27.77
C GLU A 304 12.19 4.14 -28.60
N LEU A 305 11.85 5.30 -29.16
CA LEU A 305 10.63 5.39 -29.97
C LEU A 305 10.75 4.55 -31.24
N ALA A 306 11.92 4.53 -31.86
CA ALA A 306 12.12 3.72 -33.04
C ALA A 306 11.96 2.24 -32.71
N GLU A 307 12.59 1.79 -31.63
CA GLU A 307 12.46 0.40 -31.18
C GLU A 307 11.00 0.06 -30.94
N ASN A 308 10.24 0.99 -30.38
CA ASN A 308 8.81 0.75 -30.15
C ASN A 308 8.05 0.63 -31.47
N ARG A 309 8.40 1.46 -32.46
CA ARG A 309 7.72 1.38 -33.75
C ARG A 309 7.90 0.01 -34.40
N GLU A 310 9.09 -0.58 -34.28
CA GLU A 310 9.33 -1.87 -34.91
C GLU A 310 8.50 -2.97 -34.26
N ILE A 311 8.46 -2.99 -32.92
CA ILE A 311 7.67 -3.99 -32.21
C ILE A 311 6.20 -3.88 -32.59
N LEU A 312 5.69 -2.64 -32.70
CA LEU A 312 4.28 -2.45 -33.02
C LEU A 312 3.94 -2.82 -34.46
N LYS A 313 4.92 -2.87 -35.36
CA LYS A 313 4.64 -3.23 -36.75
C LYS A 313 4.04 -4.63 -36.84
N GLU A 314 4.55 -5.57 -36.05
CA GLU A 314 4.00 -6.91 -36.01
C GLU A 314 2.72 -6.95 -35.19
N PRO A 315 1.89 -7.98 -35.39
CA PRO A 315 0.65 -8.09 -34.60
C PRO A 315 0.71 -9.17 -33.53
N VAL A 316 0.19 -8.89 -32.34
CA VAL A 316 0.21 -9.83 -31.22
C VAL A 316 -1.19 -9.93 -30.63
N HIS A 317 -1.45 -11.07 -29.99
CA HIS A 317 -2.74 -11.34 -29.36
C HIS A 317 -2.51 -12.06 -28.03
N GLY A 318 -3.43 -11.82 -27.12
CA GLY A 318 -3.47 -12.52 -25.85
C GLY A 318 -4.60 -13.54 -25.80
N VAL A 319 -4.47 -14.50 -24.89
CA VAL A 319 -5.43 -15.57 -24.75
C VAL A 319 -6.21 -15.37 -23.45
N TYR A 320 -7.38 -16.00 -23.40
CA TYR A 320 -8.23 -15.93 -22.22
C TYR A 320 -7.73 -16.92 -21.18
N TYR A 321 -8.41 -16.94 -20.03
CA TYR A 321 -7.91 -17.61 -18.84
C TYR A 321 -8.54 -18.98 -18.66
N ASP A 322 -7.72 -19.95 -18.25
CA ASP A 322 -8.22 -21.27 -17.87
C ASP A 322 -7.94 -21.50 -16.40
N PRO A 323 -8.96 -21.49 -15.53
CA PRO A 323 -8.72 -21.71 -14.09
C PRO A 323 -8.08 -23.05 -13.77
N SER A 324 -8.16 -24.03 -14.68
CA SER A 324 -7.65 -25.37 -14.41
C SER A 324 -6.16 -25.51 -14.71
N LYS A 325 -5.57 -24.59 -15.47
CA LYS A 325 -4.15 -24.63 -15.78
C LYS A 325 -3.39 -23.62 -14.93
N ASP A 326 -2.13 -23.96 -14.64
CA ASP A 326 -1.30 -23.13 -13.77
C ASP A 326 -1.06 -21.76 -14.39
N LEU A 327 -0.64 -20.82 -13.54
CA LEU A 327 -0.30 -19.47 -13.94
C LEU A 327 1.19 -19.27 -13.74
N ILE A 328 1.89 -18.90 -14.82
CA ILE A 328 3.34 -18.80 -14.83
C ILE A 328 3.74 -17.41 -15.32
N ALA A 329 4.70 -16.80 -14.62
CA ALA A 329 5.22 -15.49 -14.97
C ALA A 329 6.73 -15.58 -15.18
N GLU A 330 7.21 -14.95 -16.25
CA GLU A 330 8.62 -14.96 -16.60
C GLU A 330 9.09 -13.53 -16.84
N ILE A 331 10.26 -13.19 -16.31
CA ILE A 331 10.81 -11.85 -16.37
C ILE A 331 12.10 -11.87 -17.19
N GLN A 332 12.27 -10.86 -18.04
CA GLN A 332 13.51 -10.67 -18.77
C GLN A 332 13.99 -9.23 -18.59
N LYS A 333 15.29 -9.08 -18.42
CA LYS A 333 15.90 -7.75 -18.44
C LYS A 333 16.03 -7.28 -19.87
N GLN A 334 15.60 -6.05 -20.14
CA GLN A 334 15.66 -5.46 -21.46
C GLN A 334 16.81 -4.48 -21.65
N GLY A 335 17.19 -3.78 -20.60
CA GLY A 335 18.25 -2.80 -20.65
C GLY A 335 18.42 -2.25 -19.25
N GLN A 336 19.43 -1.39 -19.09
CA GLN A 336 19.73 -0.89 -17.76
C GLN A 336 18.52 -0.20 -17.15
N GLY A 337 17.95 -0.81 -16.11
CA GLY A 337 16.79 -0.27 -15.43
C GLY A 337 15.44 -0.70 -15.99
N GLN A 338 15.41 -1.41 -17.11
CA GLN A 338 14.17 -1.74 -17.79
C GLN A 338 14.00 -3.26 -17.82
N TRP A 339 12.82 -3.72 -17.43
CA TRP A 339 12.50 -5.15 -17.36
C TRP A 339 11.18 -5.39 -18.07
N THR A 340 11.00 -6.63 -18.54
CA THR A 340 9.80 -7.01 -19.28
C THR A 340 9.35 -8.39 -18.82
N TYR A 341 8.05 -8.64 -18.89
CA TYR A 341 7.52 -9.91 -18.41
C TYR A 341 6.35 -10.35 -19.26
N GLN A 342 6.12 -11.67 -19.24
CA GLN A 342 4.92 -12.27 -19.82
C GLN A 342 4.32 -13.22 -18.79
N ILE A 343 2.99 -13.37 -18.85
CA ILE A 343 2.26 -14.26 -17.98
C ILE A 343 1.46 -15.22 -18.85
N TYR A 344 1.65 -16.52 -18.63
CA TYR A 344 1.11 -17.53 -19.53
C TYR A 344 0.80 -18.80 -18.75
N GLN A 345 -0.19 -19.55 -19.23
CA GLN A 345 -0.50 -20.88 -18.74
C GLN A 345 0.10 -21.98 -19.61
N GLU A 346 0.14 -21.78 -20.91
CA GLU A 346 0.73 -22.68 -21.90
C GLU A 346 1.91 -21.98 -22.58
N PRO A 347 2.86 -22.76 -23.12
CA PRO A 347 4.19 -22.18 -23.45
C PRO A 347 4.19 -20.88 -24.24
N PHE A 348 3.52 -20.83 -25.39
CA PHE A 348 3.59 -19.66 -26.27
C PHE A 348 2.28 -18.89 -26.34
N LYS A 349 1.29 -19.22 -25.52
CA LYS A 349 0.03 -18.48 -25.45
C LYS A 349 0.11 -17.57 -24.24
N ASN A 350 0.41 -16.30 -24.48
CA ASN A 350 0.55 -15.33 -23.41
C ASN A 350 -0.81 -14.76 -23.04
N LEU A 351 -1.12 -14.76 -21.74
CA LEU A 351 -2.31 -14.07 -21.27
C LEU A 351 -2.14 -12.56 -21.35
N LYS A 352 -1.01 -12.04 -20.91
CA LYS A 352 -0.70 -10.61 -21.02
C LYS A 352 0.79 -10.42 -20.83
N THR A 353 1.27 -9.24 -21.18
CA THR A 353 2.66 -8.85 -20.97
C THR A 353 2.72 -7.57 -20.17
N GLY A 354 3.93 -7.14 -19.84
CA GLY A 354 4.11 -5.90 -19.11
C GLY A 354 5.56 -5.57 -18.93
N LYS A 355 5.80 -4.41 -18.33
CA LYS A 355 7.14 -3.89 -18.11
C LYS A 355 7.25 -3.40 -16.67
N TYR A 356 8.50 -3.22 -16.24
CA TYR A 356 8.80 -2.52 -15.00
C TYR A 356 10.14 -1.83 -15.18
N ALA A 357 10.18 -0.52 -14.93
CA ALA A 357 11.40 0.25 -15.17
C ALA A 357 11.58 1.37 -14.16
N ARG A 358 11.04 1.24 -12.95
CA ARG A 358 11.23 2.24 -11.93
C ARG A 358 12.60 2.09 -11.28
N MET A 359 13.31 3.20 -11.14
CA MET A 359 14.57 3.18 -10.38
C MET A 359 14.32 3.22 -8.88
N ARG A 360 13.25 3.90 -8.45
CA ARG A 360 12.90 4.02 -7.03
C ARG A 360 14.04 4.64 -6.23
N GLY A 361 14.71 5.62 -6.82
CA GLY A 361 15.87 6.22 -6.19
C GLY A 361 16.96 6.50 -7.20
N ALA A 362 18.04 7.16 -6.76
CA ALA A 362 19.10 7.54 -7.68
C ALA A 362 19.93 6.34 -8.11
N HIS A 363 20.14 5.38 -7.21
CA HIS A 363 21.02 4.25 -7.47
C HIS A 363 20.33 2.96 -7.03
N THR A 364 20.52 1.90 -7.81
CA THR A 364 19.91 0.62 -7.48
C THR A 364 20.81 -0.51 -7.99
N ASN A 365 20.42 -1.74 -7.67
CA ASN A 365 21.07 -2.95 -8.15
C ASN A 365 20.02 -3.82 -8.85
N ASP A 366 20.52 -4.77 -9.65
CA ASP A 366 19.64 -5.56 -10.50
C ASP A 366 18.77 -6.51 -9.69
N VAL A 367 19.33 -7.14 -8.65
CA VAL A 367 18.56 -8.09 -7.85
C VAL A 367 17.41 -7.37 -7.15
N LYS A 368 17.67 -6.15 -6.65
CA LYS A 368 16.61 -5.35 -6.05
C LYS A 368 15.52 -5.04 -7.06
N GLN A 369 15.90 -4.66 -8.29
CA GLN A 369 14.91 -4.35 -9.32
C GLN A 369 14.13 -5.59 -9.76
N LEU A 370 14.80 -6.74 -9.84
CA LEU A 370 14.09 -7.99 -10.15
C LEU A 370 13.07 -8.32 -9.07
N THR A 371 13.45 -8.18 -7.79
CA THR A 371 12.49 -8.39 -6.70
C THR A 371 11.31 -7.44 -6.82
N GLU A 372 11.56 -6.18 -7.15
CA GLU A 372 10.47 -5.22 -7.31
C GLU A 372 9.57 -5.59 -8.47
N ALA A 373 10.14 -6.10 -9.56
CA ALA A 373 9.33 -6.54 -10.69
C ALA A 373 8.45 -7.73 -10.30
N VAL A 374 8.98 -8.65 -9.50
CA VAL A 374 8.17 -9.75 -8.98
C VAL A 374 7.03 -9.20 -8.13
N GLN A 375 7.33 -8.24 -7.27
CA GLN A 375 6.29 -7.66 -6.41
C GLN A 375 5.17 -7.04 -7.24
N LYS A 376 5.54 -6.33 -8.32
CA LYS A 376 4.53 -5.70 -9.17
C LYS A 376 3.66 -6.74 -9.87
N ILE A 377 4.27 -7.85 -10.32
CA ILE A 377 3.50 -8.92 -10.94
C ILE A 377 2.57 -9.59 -9.92
N THR A 378 3.07 -9.79 -8.70
CA THR A 378 2.26 -10.41 -7.65
C THR A 378 0.99 -9.62 -7.40
N THR A 379 1.11 -8.30 -7.21
CA THR A 379 -0.06 -7.45 -7.03
C THR A 379 -0.99 -7.54 -8.23
N GLU A 380 -0.42 -7.59 -9.43
CA GLU A 380 -1.23 -7.61 -10.65
C GLU A 380 -1.95 -8.94 -10.83
N SER A 381 -1.29 -10.05 -10.49
CA SER A 381 -1.94 -11.36 -10.60
C SER A 381 -3.10 -11.50 -9.63
N ILE A 382 -2.94 -10.96 -8.41
CA ILE A 382 -4.01 -10.99 -7.43
C ILE A 382 -5.24 -10.24 -7.95
N VAL A 383 -5.00 -9.06 -8.53
CA VAL A 383 -6.10 -8.25 -9.04
C VAL A 383 -6.83 -8.95 -10.17
N ILE A 384 -6.08 -9.55 -11.09
CA ILE A 384 -6.67 -10.07 -12.33
C ILE A 384 -7.19 -11.49 -12.17
N TRP A 385 -6.43 -12.38 -11.54
CA TRP A 385 -6.81 -13.79 -11.48
C TRP A 385 -7.15 -14.28 -10.09
N GLY A 386 -6.88 -13.50 -9.04
CA GLY A 386 -7.16 -13.93 -7.69
C GLY A 386 -6.14 -14.84 -7.08
N LYS A 387 -4.93 -14.87 -7.63
CA LYS A 387 -3.85 -15.67 -7.06
C LYS A 387 -2.53 -15.19 -7.64
N THR A 388 -1.43 -15.63 -7.02
CA THR A 388 -0.06 -15.38 -7.42
C THR A 388 0.43 -16.49 -8.35
N PRO A 389 1.30 -16.15 -9.31
CA PRO A 389 1.76 -17.16 -10.26
C PRO A 389 3.08 -17.80 -9.85
N LYS A 390 3.37 -18.94 -10.49
CA LYS A 390 4.73 -19.47 -10.46
C LYS A 390 5.65 -18.53 -11.23
N PHE A 391 6.88 -18.39 -10.76
CA PHE A 391 7.84 -17.48 -11.36
C PHE A 391 9.00 -18.23 -11.97
N LYS A 392 9.32 -17.90 -13.21
CA LYS A 392 10.52 -18.38 -13.91
C LYS A 392 11.45 -17.19 -14.07
N LEU A 393 12.58 -17.22 -13.35
CA LEU A 393 13.41 -16.03 -13.26
C LEU A 393 14.84 -16.33 -13.69
N PRO A 394 15.50 -15.37 -14.37
CA PRO A 394 16.89 -15.57 -14.82
C PRO A 394 17.91 -15.14 -13.77
N ILE A 395 17.78 -15.72 -12.57
CA ILE A 395 18.69 -15.49 -11.46
C ILE A 395 18.86 -16.84 -10.77
N GLN A 396 20.04 -17.06 -10.19
CA GLN A 396 20.31 -18.31 -9.52
C GLN A 396 20.13 -18.16 -8.02
N LYS A 397 19.70 -19.25 -7.37
CA LYS A 397 19.41 -19.21 -5.94
C LYS A 397 20.60 -18.67 -5.15
N GLU A 398 21.82 -19.02 -5.58
CA GLU A 398 23.01 -18.50 -4.92
C GLU A 398 23.05 -16.97 -4.99
N THR A 399 22.71 -16.40 -6.14
CA THR A 399 22.72 -14.94 -6.27
C THR A 399 21.66 -14.30 -5.39
N TRP A 400 20.40 -14.75 -5.52
CA TRP A 400 19.31 -14.13 -4.78
C TRP A 400 19.45 -14.34 -3.28
N GLU A 401 19.83 -15.56 -2.87
CA GLU A 401 19.96 -15.86 -1.45
C GLU A 401 21.01 -14.97 -0.78
N THR A 402 22.19 -14.84 -1.42
CA THR A 402 23.21 -13.94 -0.90
C THR A 402 22.68 -12.53 -0.74
N TRP A 403 21.93 -12.05 -1.75
CA TRP A 403 21.45 -10.67 -1.72
C TRP A 403 20.42 -10.47 -0.62
N TRP A 404 19.35 -11.27 -0.62
CA TRP A 404 18.28 -11.05 0.34
C TRP A 404 18.72 -11.31 1.77
N THR A 405 19.81 -12.04 1.98
CA THR A 405 20.32 -12.28 3.32
C THR A 405 21.08 -11.06 3.84
N GLU A 406 21.91 -10.43 3.01
CA GLU A 406 22.66 -9.25 3.38
C GLU A 406 21.85 -7.96 3.27
N TYR A 407 20.77 -7.96 2.48
CA TYR A 407 19.95 -6.77 2.31
C TYR A 407 19.26 -6.41 3.62
N TRP A 408 19.35 -5.13 4.00
CA TRP A 408 18.86 -4.66 5.29
C TRP A 408 17.34 -4.61 5.37
N GLN A 409 16.62 -4.78 4.27
CA GLN A 409 15.18 -4.80 4.27
C GLN A 409 14.65 -6.23 4.26
N ALA A 410 13.52 -6.43 4.93
CA ALA A 410 12.79 -7.68 4.81
C ALA A 410 12.19 -7.78 3.42
N THR A 411 12.24 -8.98 2.84
CA THR A 411 11.71 -9.19 1.50
C THR A 411 11.12 -10.58 1.40
N TRP A 412 10.07 -10.70 0.60
CA TRP A 412 9.39 -11.97 0.37
C TRP A 412 9.81 -12.51 -0.99
N ILE A 413 10.46 -13.66 -0.98
CA ILE A 413 10.94 -14.31 -2.20
C ILE A 413 9.95 -15.40 -2.56
N PRO A 414 9.23 -15.29 -3.68
CA PRO A 414 8.26 -16.32 -4.05
C PRO A 414 8.97 -17.62 -4.38
N GLU A 415 8.18 -18.67 -4.56
CA GLU A 415 8.72 -19.90 -5.12
C GLU A 415 9.00 -19.70 -6.59
N TRP A 416 10.23 -19.97 -7.01
CA TRP A 416 10.68 -19.64 -8.35
C TRP A 416 11.70 -20.68 -8.80
N GLU A 417 11.79 -20.85 -10.11
CA GLU A 417 12.78 -21.75 -10.70
C GLU A 417 13.75 -20.93 -11.54
N PHE A 418 15.00 -21.37 -11.58
CA PHE A 418 16.01 -20.73 -12.39
C PHE A 418 15.85 -21.17 -13.84
N VAL A 419 15.83 -20.20 -14.75
CA VAL A 419 15.75 -20.45 -16.18
C VAL A 419 16.98 -19.83 -16.81
N ASN A 420 17.88 -20.67 -17.33
CA ASN A 420 19.12 -20.18 -17.92
C ASN A 420 18.83 -19.65 -19.31
N THR A 421 18.45 -18.38 -19.37
CA THR A 421 18.29 -17.66 -20.64
C THR A 421 18.88 -16.27 -20.41
N PRO A 422 20.17 -16.10 -20.69
CA PRO A 422 20.84 -14.81 -20.45
C PRO A 422 20.15 -13.68 -21.20
N PRO A 423 20.32 -12.43 -20.74
CA PRO A 423 21.18 -11.97 -19.62
C PRO A 423 20.71 -12.43 -18.24
N LEU A 424 21.56 -13.18 -17.55
CA LEU A 424 21.23 -13.65 -16.21
C LEU A 424 21.51 -12.55 -15.20
N VAL A 425 20.61 -12.41 -14.23
CA VAL A 425 20.77 -11.42 -13.16
C VAL A 425 21.82 -11.92 -12.19
N LYS A 426 22.82 -11.08 -11.91
CA LYS A 426 23.96 -11.50 -11.10
C LYS A 426 24.46 -10.31 -10.31
N LEU A 427 25.27 -10.60 -9.29
CA LEU A 427 25.93 -9.58 -8.48
C LEU A 427 27.28 -9.27 -9.10
N TRP A 428 27.42 -8.06 -9.67
CA TRP A 428 28.64 -7.71 -10.37
C TRP A 428 29.84 -7.59 -9.45
N TYR A 429 29.61 -7.24 -8.18
CA TYR A 429 30.70 -7.15 -7.22
C TYR A 429 30.13 -7.33 -5.82
N GLN A 430 31.02 -7.71 -4.91
CA GLN A 430 30.69 -7.80 -3.49
C GLN A 430 31.81 -7.17 -2.70
N LEU A 431 31.49 -6.16 -1.90
CA LEU A 431 32.48 -5.59 -0.99
C LEU A 431 32.93 -6.64 0.01
N GLU A 432 34.15 -6.46 0.50
CA GLU A 432 34.63 -7.35 1.55
C GLU A 432 33.90 -7.05 2.86
N LYS A 433 33.76 -8.07 3.70
CA LYS A 433 33.17 -7.91 5.01
C LYS A 433 34.21 -7.74 6.11
N GLU A 434 35.47 -8.01 5.81
CA GLU A 434 36.59 -7.81 6.73
C GLU A 434 37.71 -7.09 5.98
N PRO A 435 38.52 -6.29 6.69
CA PRO A 435 39.63 -5.60 6.04
C PRO A 435 40.60 -6.58 5.40
N ILE A 436 41.42 -6.05 4.49
CA ILE A 436 42.28 -6.86 3.64
C ILE A 436 43.72 -6.73 4.12
N VAL A 437 44.39 -7.87 4.29
CA VAL A 437 45.80 -7.89 4.66
C VAL A 437 46.64 -7.74 3.41
N GLY A 438 47.76 -7.03 3.53
CA GLY A 438 48.61 -6.83 2.37
C GLY A 438 48.02 -5.96 1.29
N ALA A 439 46.91 -5.28 1.56
CA ALA A 439 46.34 -4.28 0.66
C ALA A 439 46.55 -2.90 1.26
N GLU A 440 46.89 -1.95 0.39
CA GLU A 440 47.18 -0.58 0.83
C GLU A 440 45.94 0.06 1.43
N THR A 441 46.13 0.85 2.48
CA THR A 441 45.02 1.49 3.20
C THR A 441 45.01 2.97 2.83
N PHE A 442 44.01 3.37 2.06
CA PHE A 442 43.80 4.77 1.69
C PHE A 442 42.91 5.44 2.72
N TYR A 443 43.31 6.62 3.17
CA TYR A 443 42.44 7.49 3.96
C TYR A 443 42.02 8.64 3.07
N VAL A 444 40.76 8.65 2.68
CA VAL A 444 40.23 9.60 1.72
C VAL A 444 39.48 10.70 2.45
N ASP A 445 39.43 11.87 1.83
CA ASP A 445 38.57 12.95 2.28
C ASP A 445 38.36 13.91 1.13
N GLY A 446 37.25 14.63 1.20
CA GLY A 446 36.94 15.63 0.19
C GLY A 446 36.24 16.80 0.84
N ALA A 447 36.39 17.96 0.24
CA ALA A 447 35.79 19.17 0.78
C ALA A 447 35.32 20.06 -0.35
N ALA A 448 34.38 20.95 -0.03
CA ALA A 448 33.86 21.90 -1.00
C ALA A 448 33.39 23.14 -0.26
N ASN A 449 33.80 24.30 -0.76
CA ASN A 449 33.28 25.57 -0.25
C ASN A 449 31.88 25.78 -0.80
N ARG A 450 30.90 25.92 0.10
CA ARG A 450 29.51 25.96 -0.34
C ARG A 450 29.22 27.20 -1.18
N GLU A 451 29.87 28.33 -0.86
CA GLU A 451 29.69 29.54 -1.63
C GLU A 451 30.36 29.43 -2.99
N THR A 452 31.70 29.37 -3.00
CA THR A 452 32.44 29.37 -4.26
C THR A 452 32.24 28.10 -5.07
N LYS A 453 31.73 27.03 -4.45
CA LYS A 453 31.45 25.75 -5.10
C LYS A 453 32.70 25.09 -5.68
N LEU A 454 33.89 25.46 -5.20
CA LEU A 454 35.13 24.80 -5.58
C LEU A 454 35.47 23.74 -4.54
N GLY A 455 36.24 22.73 -4.96
CA GLY A 455 36.50 21.62 -4.06
C GLY A 455 37.76 20.86 -4.40
N LYS A 456 38.02 19.83 -3.59
CA LYS A 456 39.20 19.00 -3.75
C LYS A 456 38.94 17.65 -3.09
N ALA A 457 39.62 16.62 -3.60
CA ALA A 457 39.55 15.27 -3.04
C ALA A 457 40.97 14.74 -2.90
N GLY A 458 41.28 14.16 -1.74
CA GLY A 458 42.64 13.75 -1.46
C GLY A 458 42.69 12.38 -0.80
N TYR A 459 43.89 11.81 -0.80
CA TYR A 459 44.13 10.55 -0.09
C TYR A 459 45.51 10.56 0.55
N VAL A 460 45.60 9.85 1.69
CA VAL A 460 46.85 9.57 2.37
C VAL A 460 46.87 8.07 2.67
N THR A 461 47.98 7.42 2.35
CA THR A 461 48.06 5.96 2.47
C THR A 461 49.06 5.55 3.54
N ASN A 462 48.92 4.30 3.99
CA ASN A 462 49.89 3.72 4.91
C ASN A 462 51.28 3.62 4.29
N LYS A 463 51.36 3.35 2.98
CA LYS A 463 52.65 3.29 2.30
C LYS A 463 53.27 4.66 2.08
N GLY A 464 52.64 5.73 2.54
CA GLY A 464 53.21 7.06 2.46
C GLY A 464 52.77 7.87 1.26
N ARG A 465 51.84 7.37 0.44
CA ARG A 465 51.41 8.09 -0.74
C ARG A 465 50.32 9.09 -0.41
N GLN A 466 50.44 10.29 -0.98
CA GLN A 466 49.49 11.37 -0.77
C GLN A 466 49.20 12.06 -2.10
N LYS A 467 47.96 12.51 -2.27
CA LYS A 467 47.55 13.14 -3.52
C LYS A 467 46.32 14.00 -3.27
N VAL A 468 46.23 15.10 -4.03
CA VAL A 468 45.07 16.00 -4.01
C VAL A 468 44.74 16.39 -5.43
N VAL A 469 43.49 16.21 -5.84
CA VAL A 469 43.03 16.61 -7.16
C VAL A 469 42.03 17.77 -6.99
N PRO A 470 42.15 18.84 -7.78
CA PRO A 470 41.23 19.97 -7.65
C PRO A 470 39.92 19.75 -8.41
N LEU A 471 38.85 20.32 -7.85
CA LEU A 471 37.51 20.09 -8.36
C LEU A 471 36.81 21.43 -8.59
N THR A 472 36.15 21.55 -9.74
CA THR A 472 35.64 22.85 -10.20
C THR A 472 34.28 23.19 -9.57
N ASN A 473 33.23 22.49 -9.97
CA ASN A 473 31.87 22.80 -9.56
C ASN A 473 31.26 21.56 -8.92
N THR A 474 31.32 21.48 -7.59
CA THR A 474 30.87 20.30 -6.86
C THR A 474 30.30 20.71 -5.51
N THR A 475 29.95 19.71 -4.71
CA THR A 475 29.47 19.88 -3.35
C THR A 475 30.27 18.98 -2.43
N ASN A 476 30.12 19.21 -1.12
CA ASN A 476 30.78 18.36 -0.13
C ASN A 476 30.45 16.89 -0.35
N GLN A 477 29.19 16.60 -0.71
CA GLN A 477 28.80 15.22 -0.98
C GLN A 477 29.49 14.67 -2.22
N LYS A 478 29.52 15.45 -3.30
CA LYS A 478 30.09 14.97 -4.55
C LYS A 478 31.60 14.79 -4.45
N THR A 479 32.27 15.58 -3.60
CA THR A 479 33.69 15.39 -3.40
C THR A 479 33.98 14.16 -2.54
N GLU A 480 33.18 13.94 -1.49
CA GLU A 480 33.34 12.73 -0.68
C GLU A 480 33.24 11.47 -1.54
N LEU A 481 32.42 11.52 -2.59
CA LEU A 481 32.37 10.40 -3.53
C LEU A 481 33.58 10.39 -4.46
N GLN A 482 34.04 11.57 -4.89
CA GLN A 482 35.19 11.61 -5.79
C GLN A 482 36.48 11.24 -5.08
N ALA A 483 36.54 11.45 -3.77
CA ALA A 483 37.69 11.00 -3.00
C ALA A 483 37.78 9.48 -3.00
N ILE A 484 36.64 8.79 -2.86
CA ILE A 484 36.63 7.33 -2.95
C ILE A 484 36.99 6.88 -4.36
N TYR A 485 36.50 7.61 -5.37
CA TYR A 485 36.86 7.30 -6.75
C TYR A 485 38.37 7.44 -6.96
N LEU A 486 38.98 8.47 -6.37
CA LEU A 486 40.41 8.68 -6.53
C LEU A 486 41.22 7.54 -5.91
N ALA A 487 40.82 7.09 -4.72
CA ALA A 487 41.51 5.96 -4.09
C ALA A 487 41.38 4.70 -4.94
N LEU A 488 40.22 4.50 -5.57
CA LEU A 488 40.04 3.35 -6.45
C LEU A 488 40.88 3.48 -7.71
N GLN A 489 41.10 4.71 -8.19
CA GLN A 489 41.88 4.90 -9.40
C GLN A 489 43.36 4.61 -9.16
N ASP A 490 43.89 5.02 -8.01
CA ASP A 490 45.32 4.93 -7.72
C ASP A 490 45.68 3.77 -6.79
N SER A 491 44.90 2.69 -6.81
CA SER A 491 45.14 1.57 -5.93
C SER A 491 45.36 0.30 -6.73
N GLY A 492 45.97 -0.68 -6.08
CA GLY A 492 46.12 -1.99 -6.66
C GLY A 492 44.78 -2.71 -6.77
N LEU A 493 44.89 -3.98 -7.10
CA LEU A 493 43.69 -4.79 -7.24
C LEU A 493 43.01 -5.07 -5.91
N GLU A 494 43.65 -4.75 -4.79
CA GLU A 494 43.06 -4.89 -3.47
C GLU A 494 43.31 -3.62 -2.69
N VAL A 495 42.27 -3.02 -2.12
CA VAL A 495 42.42 -1.72 -1.47
C VAL A 495 41.49 -1.65 -0.27
N ASN A 496 42.01 -1.09 0.83
CA ASN A 496 41.19 -0.70 1.98
C ASN A 496 41.01 0.81 1.94
N ILE A 497 39.76 1.24 1.88
CA ILE A 497 39.42 2.66 1.80
C ILE A 497 38.72 3.05 3.10
N VAL A 498 39.06 4.22 3.63
CA VAL A 498 38.52 4.70 4.90
C VAL A 498 38.01 6.12 4.70
N THR A 499 36.71 6.31 4.93
CA THR A 499 36.05 7.59 4.72
C THR A 499 35.37 8.04 6.01
N ASP A 500 35.13 9.35 6.11
CA ASP A 500 34.36 9.91 7.20
C ASP A 500 32.95 10.32 6.77
N SER A 501 32.56 9.96 5.54
CA SER A 501 31.33 10.44 4.93
C SER A 501 30.23 9.40 5.10
N GLN A 502 29.26 9.70 5.96
CA GLN A 502 28.08 8.85 6.07
C GLN A 502 27.34 8.78 4.74
N TYR A 503 27.31 9.89 4.00
CA TYR A 503 26.68 9.92 2.68
C TYR A 503 27.31 8.89 1.76
N ALA A 504 28.62 8.98 1.54
CA ALA A 504 29.29 8.11 0.57
C ALA A 504 29.27 6.65 1.00
N LEU A 505 29.40 6.39 2.31
CA LEU A 505 29.32 5.01 2.79
C LEU A 505 27.95 4.40 2.47
N GLY A 506 26.88 5.14 2.72
CA GLY A 506 25.55 4.62 2.44
C GLY A 506 25.34 4.26 0.98
N ILE A 507 25.83 5.11 0.06
CA ILE A 507 25.70 4.81 -1.36
C ILE A 507 26.46 3.55 -1.71
N ILE A 508 27.69 3.41 -1.21
CA ILE A 508 28.54 2.28 -1.59
C ILE A 508 28.05 0.99 -0.92
N GLN A 509 27.74 1.05 0.38
CA GLN A 509 27.31 -0.14 1.10
C GLN A 509 26.09 -0.77 0.47
N ALA A 510 25.23 0.04 -0.16
CA ALA A 510 24.07 -0.49 -0.87
C ALA A 510 24.47 -1.29 -2.10
N GLN A 511 25.74 -1.27 -2.47
CA GLN A 511 26.26 -2.05 -3.60
C GLN A 511 25.46 -1.87 -4.89
N PRO A 512 25.30 -0.63 -5.37
CA PRO A 512 24.57 -0.44 -6.63
C PRO A 512 25.41 -0.89 -7.81
N ASP A 513 24.71 -1.22 -8.91
CA ASP A 513 25.36 -1.50 -10.18
C ASP A 513 24.87 -0.61 -11.30
N LYS A 514 23.93 0.31 -11.02
CA LYS A 514 23.47 1.29 -11.98
C LYS A 514 23.05 2.53 -11.21
N SER A 515 23.41 3.69 -11.72
CA SER A 515 23.13 4.96 -11.06
C SER A 515 22.82 6.01 -12.12
N GLU A 516 22.15 7.07 -11.70
CA GLU A 516 21.95 8.22 -12.57
C GLU A 516 23.01 9.30 -12.37
N SER A 517 23.91 9.10 -11.40
CA SER A 517 25.09 9.93 -11.27
C SER A 517 26.24 9.26 -12.01
N GLU A 518 26.90 10.00 -12.90
CA GLU A 518 27.99 9.41 -13.67
C GLU A 518 29.18 9.09 -12.78
N LEU A 519 29.45 9.93 -11.78
CA LEU A 519 30.51 9.64 -10.83
C LEU A 519 30.32 8.29 -10.16
N VAL A 520 29.08 8.00 -9.73
CA VAL A 520 28.81 6.71 -9.11
C VAL A 520 28.98 5.58 -10.11
N ASN A 521 28.58 5.82 -11.37
CA ASN A 521 28.79 4.82 -12.42
C ASN A 521 30.28 4.55 -12.63
N GLN A 522 31.12 5.56 -12.44
CA GLN A 522 32.57 5.37 -12.56
C GLN A 522 33.13 4.61 -11.37
N ILE A 523 32.66 4.94 -10.15
CA ILE A 523 33.01 4.14 -8.98
C ILE A 523 32.56 2.69 -9.17
N ILE A 524 31.36 2.50 -9.74
CA ILE A 524 30.86 1.16 -10.01
C ILE A 524 31.78 0.43 -10.99
N GLU A 525 32.24 1.14 -12.03
CA GLU A 525 33.16 0.51 -12.98
C GLU A 525 34.46 0.11 -12.30
N GLN A 526 34.96 0.95 -11.39
CA GLN A 526 36.18 0.61 -10.66
C GLN A 526 35.95 -0.57 -9.72
N LEU A 527 34.84 -0.55 -8.99
CA LEU A 527 34.55 -1.62 -8.04
C LEU A 527 34.53 -2.99 -8.72
N ILE A 528 34.05 -3.04 -9.97
CA ILE A 528 34.01 -4.29 -10.70
C ILE A 528 35.43 -4.78 -11.00
N LYS A 529 36.27 -3.89 -11.54
CA LYS A 529 37.63 -4.30 -11.91
C LYS A 529 38.43 -4.73 -10.69
N LYS A 530 38.21 -4.09 -9.55
CA LYS A 530 38.92 -4.46 -8.33
C LYS A 530 38.60 -5.89 -7.93
N GLU A 531 39.56 -6.54 -7.28
CA GLU A 531 39.36 -7.89 -6.77
C GLU A 531 38.74 -7.87 -5.38
N LYS A 532 39.31 -7.09 -4.47
CA LYS A 532 38.80 -6.97 -3.10
C LYS A 532 38.79 -5.51 -2.71
N VAL A 533 37.62 -5.02 -2.31
CA VAL A 533 37.48 -3.67 -1.75
C VAL A 533 36.80 -3.80 -0.40
N TYR A 534 37.42 -3.22 0.63
CA TYR A 534 36.81 -3.08 1.94
C TYR A 534 36.68 -1.59 2.25
N LEU A 535 35.46 -1.17 2.57
CA LEU A 535 35.18 0.22 2.90
C LEU A 535 34.93 0.33 4.40
N ALA A 536 35.61 1.29 5.04
CA ALA A 536 35.49 1.52 6.47
C ALA A 536 35.07 2.96 6.73
N TRP A 537 34.39 3.16 7.85
CA TRP A 537 33.92 4.48 8.26
C TRP A 537 34.45 4.82 9.64
N VAL A 538 34.74 6.10 9.84
CA VAL A 538 35.16 6.61 11.15
C VAL A 538 34.50 7.96 11.40
N PRO A 539 34.25 8.27 12.66
CA PRO A 539 33.72 9.59 12.99
C PRO A 539 34.72 10.69 12.63
N ALA A 540 34.24 11.68 11.87
CA ALA A 540 35.10 12.77 11.43
C ALA A 540 35.48 13.67 12.60
N HIS A 541 36.62 14.35 12.45
CA HIS A 541 37.10 15.34 13.41
C HIS A 541 37.26 14.76 14.81
N LYS A 542 37.61 13.46 14.90
CA LYS A 542 37.80 12.83 16.19
C LYS A 542 39.25 12.38 16.40
N GLY A 543 40.17 12.85 15.58
CA GLY A 543 41.58 12.58 15.81
C GLY A 543 42.01 11.16 15.52
N ILE A 544 41.24 10.39 14.76
CA ILE A 544 41.69 9.08 14.32
C ILE A 544 42.86 9.27 13.38
N GLY A 545 43.87 8.41 13.51
CA GLY A 545 45.14 8.61 12.83
C GLY A 545 45.08 8.95 11.35
N GLY A 546 44.54 8.04 10.53
CA GLY A 546 44.54 8.26 9.11
C GLY A 546 43.54 9.31 8.64
N ASN A 547 42.41 9.43 9.35
CA ASN A 547 41.43 10.45 8.98
C ASN A 547 41.91 11.86 9.30
N GLU A 548 42.65 12.02 10.40
CA GLU A 548 43.15 13.35 10.76
C GLU A 548 44.14 13.88 9.74
N GLN A 549 45.00 13.01 9.21
CA GLN A 549 46.00 13.46 8.24
C GLN A 549 45.36 13.92 6.95
N VAL A 550 44.45 13.12 6.38
CA VAL A 550 43.85 13.49 5.10
C VAL A 550 42.89 14.65 5.29
N ASP A 551 42.35 14.81 6.51
CA ASP A 551 41.54 15.99 6.79
C ASP A 551 42.39 17.24 6.78
N LYS A 552 43.57 17.18 7.41
CA LYS A 552 44.48 18.32 7.40
C LYS A 552 44.99 18.59 6.00
N LEU A 553 45.25 17.53 5.22
CA LEU A 553 45.75 17.70 3.86
C LEU A 553 44.73 18.42 2.98
N VAL A 554 43.48 17.94 3.00
CA VAL A 554 42.45 18.51 2.15
C VAL A 554 42.02 19.89 2.64
N SER A 555 42.21 20.18 3.93
CA SER A 555 41.79 21.49 4.44
C SER A 555 42.74 22.61 4.01
N ALA A 556 44.00 22.28 3.73
CA ALA A 556 44.97 23.29 3.33
C ALA A 556 44.81 23.64 1.86
N ILE B 5 -32.43 -4.33 23.64
CA ILE B 5 -31.54 -3.56 24.51
C ILE B 5 -31.53 -2.10 24.03
N GLU B 6 -30.84 -1.25 24.78
CA GLU B 6 -30.79 0.18 24.48
C GLU B 6 -29.45 0.53 23.85
N THR B 7 -29.49 1.16 22.69
CA THR B 7 -28.27 1.61 22.04
C THR B 7 -27.67 2.81 22.77
N VAL B 8 -26.34 2.87 22.79
CA VAL B 8 -25.64 4.04 23.30
C VAL B 8 -25.43 5.00 22.14
N PRO B 9 -25.84 6.27 22.28
CA PRO B 9 -25.65 7.22 21.18
C PRO B 9 -24.17 7.43 20.87
N VAL B 10 -23.82 7.34 19.58
CA VAL B 10 -22.46 7.54 19.11
C VAL B 10 -22.46 8.69 18.13
N LYS B 11 -21.46 9.57 18.26
CA LYS B 11 -21.25 10.66 17.32
C LYS B 11 -19.78 10.70 16.94
N LEU B 12 -19.52 11.09 15.71
CA LEU B 12 -18.16 11.43 15.32
C LEU B 12 -17.82 12.82 15.85
N LYS B 13 -16.54 13.13 15.85
CA LYS B 13 -16.11 14.47 16.19
C LYS B 13 -16.85 15.47 15.28
N PRO B 14 -17.38 16.56 15.82
CA PRO B 14 -18.14 17.49 14.97
C PRO B 14 -17.29 18.02 13.82
N GLY B 15 -17.89 18.05 12.64
CA GLY B 15 -17.14 18.43 11.46
C GLY B 15 -16.22 17.36 10.94
N MET B 16 -16.51 16.09 11.24
CA MET B 16 -15.71 14.96 10.78
C MET B 16 -16.61 13.99 10.01
N ASP B 17 -16.15 13.59 8.83
CA ASP B 17 -16.90 12.65 8.01
C ASP B 17 -16.42 11.22 8.28
N GLY B 18 -17.23 10.25 7.84
CA GLY B 18 -16.91 8.87 8.03
C GLY B 18 -15.71 8.44 7.20
N PRO B 19 -15.29 7.19 7.37
CA PRO B 19 -14.14 6.68 6.62
C PRO B 19 -14.51 6.33 5.19
N LYS B 20 -13.58 6.61 4.28
CA LYS B 20 -13.73 6.27 2.87
C LYS B 20 -12.42 5.67 2.36
N VAL B 21 -12.08 4.50 2.91
CA VAL B 21 -10.81 3.86 2.67
C VAL B 21 -10.97 2.76 1.62
N LYS B 22 -9.94 2.57 0.81
CA LYS B 22 -9.97 1.62 -0.29
C LYS B 22 -9.86 0.18 0.20
N GLN B 23 -10.75 -0.67 -0.29
CA GLN B 23 -10.67 -2.09 -0.01
C GLN B 23 -9.56 -2.71 -0.87
N TRP B 24 -8.64 -3.43 -0.23
CA TRP B 24 -7.53 -4.02 -0.94
C TRP B 24 -8.02 -5.22 -1.77
N PRO B 25 -7.35 -5.48 -2.89
CA PRO B 25 -7.64 -6.73 -3.61
C PRO B 25 -7.19 -7.93 -2.81
N LEU B 26 -7.95 -9.01 -2.93
CA LEU B 26 -7.70 -10.23 -2.18
C LEU B 26 -7.71 -11.43 -3.11
N THR B 27 -7.01 -12.47 -2.71
CA THR B 27 -7.03 -13.73 -3.44
C THR B 27 -8.41 -14.37 -3.35
N GLU B 28 -8.71 -15.22 -4.33
CA GLU B 28 -10.00 -15.90 -4.36
C GLU B 28 -10.21 -16.73 -3.10
N GLU B 29 -9.13 -17.30 -2.55
CA GLU B 29 -9.20 -18.04 -1.30
C GLU B 29 -9.77 -17.18 -0.18
N LYS B 30 -9.20 -15.98 0.00
CA LYS B 30 -9.66 -15.11 1.07
C LYS B 30 -11.02 -14.51 0.78
N ILE B 31 -11.36 -14.29 -0.49
CA ILE B 31 -12.67 -13.76 -0.84
C ILE B 31 -13.76 -14.75 -0.47
N LYS B 32 -13.62 -16.00 -0.93
CA LYS B 32 -14.61 -17.04 -0.60
C LYS B 32 -14.77 -17.17 0.91
N ALA B 33 -13.66 -17.12 1.65
CA ALA B 33 -13.74 -17.21 3.11
C ALA B 33 -14.52 -16.04 3.69
N LEU B 34 -14.35 -14.84 3.12
CA LEU B 34 -15.09 -13.69 3.61
C LEU B 34 -16.57 -13.79 3.29
N VAL B 35 -16.92 -14.39 2.15
CA VAL B 35 -18.34 -14.51 1.77
C VAL B 35 -19.03 -15.55 2.66
N GLU B 36 -18.32 -16.62 3.02
CA GLU B 36 -18.88 -17.59 3.96
C GLU B 36 -19.12 -16.95 5.33
N ILE B 37 -18.10 -16.28 5.87
CA ILE B 37 -18.22 -15.65 7.19
C ILE B 37 -19.36 -14.63 7.20
N CYS B 38 -19.43 -13.80 6.16
CA CYS B 38 -20.42 -12.72 6.15
C CYS B 38 -21.83 -13.22 5.85
N THR B 39 -21.96 -14.29 5.07
CA THR B 39 -23.29 -14.87 4.85
C THR B 39 -23.89 -15.35 6.17
N GLU B 40 -23.07 -15.98 7.02
CA GLU B 40 -23.58 -16.47 8.29
C GLU B 40 -23.74 -15.34 9.28
N MET B 41 -22.85 -14.35 9.23
CA MET B 41 -23.04 -13.15 10.06
C MET B 41 -24.31 -12.42 9.68
N GLU B 42 -24.67 -12.43 8.40
CA GLU B 42 -25.92 -11.81 7.97
C GLU B 42 -27.12 -12.59 8.48
N LYS B 43 -27.07 -13.93 8.39
CA LYS B 43 -28.15 -14.76 8.93
C LYS B 43 -28.37 -14.48 10.42
N GLU B 44 -27.31 -14.22 11.16
CA GLU B 44 -27.37 -13.98 12.59
C GLU B 44 -27.68 -12.52 12.93
N GLY B 45 -27.94 -11.70 11.91
CA GLY B 45 -28.37 -10.33 12.12
C GLY B 45 -27.29 -9.36 12.53
N LYS B 46 -26.03 -9.80 12.62
CA LYS B 46 -24.95 -8.92 13.04
C LYS B 46 -24.57 -7.88 11.99
N ILE B 47 -24.80 -8.18 10.70
CA ILE B 47 -24.54 -7.24 9.62
C ILE B 47 -25.69 -7.30 8.63
N SER B 48 -25.86 -6.22 7.86
CA SER B 48 -26.91 -6.13 6.87
C SER B 48 -26.34 -5.54 5.59
N LYS B 49 -26.93 -5.91 4.45
CA LYS B 49 -26.50 -5.36 3.17
C LYS B 49 -26.95 -3.90 3.06
N ILE B 50 -26.17 -3.12 2.34
CA ILE B 50 -26.40 -1.68 2.24
C ILE B 50 -26.52 -1.28 0.77
N GLY B 51 -27.14 -0.12 0.56
CA GLY B 51 -27.35 0.40 -0.77
C GLY B 51 -26.30 1.41 -1.18
N PRO B 52 -26.42 1.93 -2.41
CA PRO B 52 -25.42 2.89 -2.90
C PRO B 52 -25.43 4.24 -2.19
N GLU B 53 -26.49 4.55 -1.44
CA GLU B 53 -26.51 5.83 -0.71
C GLU B 53 -25.56 5.84 0.47
N ASN B 54 -24.90 4.71 0.78
CA ASN B 54 -23.86 4.66 1.80
C ASN B 54 -22.51 4.79 1.11
N PRO B 55 -21.81 5.92 1.26
CA PRO B 55 -20.53 6.10 0.57
C PRO B 55 -19.29 5.68 1.37
N TYR B 56 -19.45 5.19 2.58
CA TYR B 56 -18.33 4.94 3.47
C TYR B 56 -17.77 3.54 3.24
N ASN B 57 -16.49 3.37 3.60
CA ASN B 57 -15.87 2.07 3.46
C ASN B 57 -14.69 1.95 4.42
N THR B 58 -14.48 0.72 4.89
CA THR B 58 -13.42 0.31 5.79
C THR B 58 -12.92 -1.03 5.28
N PRO B 59 -11.61 -1.23 5.21
CA PRO B 59 -11.08 -2.46 4.60
C PRO B 59 -11.33 -3.68 5.48
N VAL B 60 -11.43 -4.84 4.85
CA VAL B 60 -11.60 -6.11 5.53
C VAL B 60 -10.55 -7.09 5.03
N PHE B 61 -10.08 -7.95 5.94
CA PHE B 61 -9.06 -8.93 5.63
C PHE B 61 -9.47 -10.28 6.19
N ALA B 62 -8.97 -11.35 5.57
CA ALA B 62 -9.20 -12.72 6.01
C ALA B 62 -7.89 -13.28 6.54
N ILE B 63 -7.86 -13.65 7.82
CA ILE B 63 -6.67 -14.21 8.44
C ILE B 63 -7.02 -15.50 9.15
N LYS B 64 -6.06 -16.04 9.89
CA LYS B 64 -6.25 -17.24 10.69
C LYS B 64 -5.59 -17.04 12.05
N LYS B 65 -6.33 -17.31 13.12
CA LYS B 65 -5.79 -17.14 14.47
C LYS B 65 -5.44 -18.48 15.11
N SER B 68 -4.61 -23.78 12.48
CA SER B 68 -5.87 -23.07 12.31
C SER B 68 -6.52 -23.38 10.96
N THR B 69 -7.55 -24.23 10.98
CA THR B 69 -8.25 -24.57 9.76
C THR B 69 -9.36 -23.58 9.43
N LYS B 70 -9.77 -22.75 10.38
CA LYS B 70 -10.88 -21.84 10.22
C LYS B 70 -10.38 -20.43 9.95
N TRP B 71 -10.90 -19.81 8.90
CA TRP B 71 -10.64 -18.40 8.63
C TRP B 71 -11.41 -17.52 9.63
N ARG B 72 -10.98 -16.27 9.74
CA ARG B 72 -11.71 -15.28 10.50
C ARG B 72 -11.61 -13.95 9.79
N LYS B 73 -12.61 -13.10 10.00
CA LYS B 73 -12.63 -11.77 9.41
C LYS B 73 -11.94 -10.78 10.33
N LEU B 74 -11.08 -9.94 9.76
CA LEU B 74 -10.42 -8.87 10.47
C LEU B 74 -10.72 -7.56 9.76
N VAL B 75 -11.30 -6.60 10.48
CA VAL B 75 -11.68 -5.30 9.93
C VAL B 75 -10.68 -4.27 10.41
N ASP B 76 -10.05 -3.58 9.46
CA ASP B 76 -9.07 -2.52 9.75
C ASP B 76 -9.83 -1.24 10.02
N PHE B 77 -10.24 -1.06 11.28
CA PHE B 77 -10.99 0.12 11.72
C PHE B 77 -10.08 1.28 12.12
N ARG B 78 -8.85 1.35 11.60
CA ARG B 78 -7.94 2.41 12.02
C ARG B 78 -8.46 3.79 11.69
N GLU B 79 -9.08 3.95 10.51
CA GLU B 79 -9.57 5.26 10.11
C GLU B 79 -10.80 5.65 10.93
N LEU B 80 -11.77 4.73 11.04
CA LEU B 80 -12.95 5.01 11.84
C LEU B 80 -12.58 5.31 13.29
N ASN B 81 -11.55 4.62 13.80
CA ASN B 81 -11.12 4.86 15.17
C ASN B 81 -10.56 6.28 15.33
N LYS B 82 -9.78 6.74 14.36
CA LYS B 82 -9.25 8.10 14.41
C LYS B 82 -10.38 9.12 14.41
N ARG B 83 -11.45 8.85 13.67
CA ARG B 83 -12.56 9.77 13.52
C ARG B 83 -13.61 9.63 14.62
N THR B 84 -13.46 8.66 15.52
CA THR B 84 -14.37 8.45 16.65
C THR B 84 -13.71 8.74 17.98
N GLN B 85 -12.47 9.26 17.99
CA GLN B 85 -11.65 9.29 19.19
C GLN B 85 -12.31 10.03 20.35
N ASP B 86 -13.23 10.95 20.08
CA ASP B 86 -13.99 11.57 21.17
C ASP B 86 -14.85 10.55 21.91
N PHE B 87 -15.28 9.50 21.21
CA PHE B 87 -16.21 8.55 21.81
C PHE B 87 -15.49 7.47 22.62
N TRP B 88 -14.31 7.03 22.15
CA TRP B 88 -13.59 5.99 22.88
C TRP B 88 -12.48 6.53 23.76
N GLU B 89 -12.08 7.78 23.57
CA GLU B 89 -11.20 8.49 24.48
C GLU B 89 -11.86 9.80 24.89
N VAL B 90 -11.49 10.31 26.06
CA VAL B 90 -12.10 11.49 26.69
C VAL B 90 -13.49 11.13 27.21
N GLN B 91 -14.40 10.76 26.32
CA GLN B 91 -15.66 10.13 26.72
C GLN B 91 -15.49 8.62 26.70
N LEU B 92 -16.07 7.95 27.70
CA LEU B 92 -16.08 6.49 27.81
C LEU B 92 -14.68 5.88 27.74
N GLY B 93 -13.66 6.66 28.09
CA GLY B 93 -12.30 6.15 28.03
C GLY B 93 -12.06 5.12 29.11
N ILE B 94 -11.29 4.09 28.76
CA ILE B 94 -10.92 3.02 29.68
C ILE B 94 -9.52 3.32 30.20
N PRO B 95 -9.35 3.57 31.50
CA PRO B 95 -8.04 3.96 32.01
C PRO B 95 -7.08 2.78 32.12
N HIS B 96 -5.78 3.10 32.02
CA HIS B 96 -4.74 2.10 31.93
C HIS B 96 -4.04 1.96 33.28
N PRO B 97 -3.98 0.77 33.86
CA PRO B 97 -3.31 0.59 35.16
C PRO B 97 -1.79 0.50 34.99
N ALA B 98 -1.07 1.25 35.83
CA ALA B 98 0.39 1.28 35.77
C ALA B 98 1.04 0.04 36.35
N GLY B 99 0.27 -0.87 36.94
CA GLY B 99 0.82 -2.01 37.62
C GLY B 99 0.96 -3.26 36.78
N LEU B 100 0.23 -3.33 35.66
CA LEU B 100 0.27 -4.51 34.81
C LEU B 100 1.70 -4.82 34.34
N LYS B 101 2.46 -3.77 34.02
CA LYS B 101 3.86 -3.96 33.64
C LYS B 101 4.68 -4.50 34.79
N LYS B 102 4.26 -4.26 36.04
CA LYS B 102 5.06 -4.66 37.18
C LYS B 102 4.85 -6.12 37.55
N LYS B 103 3.72 -6.70 37.16
CA LYS B 103 3.42 -8.07 37.51
C LYS B 103 4.40 -9.03 36.84
N LYS B 104 4.51 -10.23 37.39
CA LYS B 104 5.46 -11.22 36.91
C LYS B 104 4.92 -12.11 35.81
N SER B 105 3.60 -12.28 35.73
CA SER B 105 2.96 -13.02 34.65
C SER B 105 1.74 -12.26 34.18
N VAL B 106 1.53 -12.23 32.87
CA VAL B 106 0.36 -11.59 32.27
C VAL B 106 -0.17 -12.50 31.17
N THR B 107 -1.46 -12.85 31.24
CA THR B 107 -2.12 -13.63 30.22
C THR B 107 -3.09 -12.75 29.46
N VAL B 108 -3.20 -12.97 28.15
CA VAL B 108 -4.04 -12.18 27.27
C VAL B 108 -5.26 -13.00 26.88
N LEU B 109 -6.45 -12.44 27.11
CA LEU B 109 -7.71 -13.14 26.94
C LEU B 109 -8.55 -12.46 25.87
N ASP B 110 -8.86 -13.19 24.81
CA ASP B 110 -9.71 -12.70 23.72
C ASP B 110 -11.16 -12.74 24.18
N VAL B 111 -11.72 -11.57 24.49
CA VAL B 111 -13.09 -11.44 24.95
C VAL B 111 -13.96 -10.73 23.91
N GLY B 112 -13.49 -10.69 22.66
CA GLY B 112 -14.14 -9.87 21.64
C GLY B 112 -15.52 -10.35 21.23
N ASP B 113 -15.85 -11.61 21.52
CA ASP B 113 -17.16 -12.14 21.12
C ASP B 113 -18.31 -11.52 21.90
N ALA B 114 -18.01 -10.84 23.01
CA ALA B 114 -19.07 -10.23 23.81
C ALA B 114 -19.81 -9.16 23.03
N TYR B 115 -19.10 -8.44 22.16
CA TYR B 115 -19.65 -7.24 21.53
C TYR B 115 -20.83 -7.56 20.63
N PHE B 116 -20.93 -8.78 20.12
CA PHE B 116 -21.98 -9.09 19.16
C PHE B 116 -23.35 -9.33 19.81
N SER B 117 -23.44 -9.19 21.14
CA SER B 117 -24.75 -9.12 21.79
C SER B 117 -25.34 -7.72 21.70
N VAL B 118 -24.51 -6.71 21.90
CA VAL B 118 -24.98 -5.33 22.09
C VAL B 118 -25.32 -4.74 20.72
N PRO B 119 -26.49 -4.12 20.57
CA PRO B 119 -26.80 -3.41 19.33
C PRO B 119 -26.03 -2.10 19.21
N LEU B 120 -25.83 -1.69 17.97
CA LEU B 120 -25.13 -0.46 17.65
C LEU B 120 -26.13 0.63 17.30
N ASP B 121 -25.81 1.86 17.70
CA ASP B 121 -26.62 3.03 17.37
C ASP B 121 -26.95 3.03 15.88
N GLU B 122 -28.26 3.03 15.57
CA GLU B 122 -28.69 2.93 14.19
C GLU B 122 -28.17 4.08 13.33
N ASP B 123 -27.94 5.26 13.93
CA ASP B 123 -27.39 6.38 13.18
C ASP B 123 -25.94 6.11 12.80
N PHE B 124 -25.18 5.46 13.68
CA PHE B 124 -23.76 5.26 13.47
C PHE B 124 -23.44 4.07 12.57
N ARG B 125 -24.44 3.23 12.25
CA ARG B 125 -24.17 1.99 11.54
C ARG B 125 -23.61 2.23 10.14
N LYS B 126 -24.08 3.28 9.46
CA LYS B 126 -23.58 3.58 8.12
C LYS B 126 -22.06 3.77 8.08
N TYR B 127 -21.45 4.15 9.20
CA TYR B 127 -20.01 4.40 9.26
C TYR B 127 -19.18 3.13 9.35
N THR B 128 -19.79 1.97 9.61
CA THR B 128 -19.07 0.71 9.66
C THR B 128 -19.12 -0.05 8.34
N ALA B 129 -19.53 0.60 7.25
CA ALA B 129 -19.68 -0.08 5.98
C ALA B 129 -18.37 -0.67 5.50
N PHE B 130 -18.43 -1.90 4.97
CA PHE B 130 -17.27 -2.55 4.39
C PHE B 130 -17.69 -3.26 3.11
N THR B 131 -16.68 -3.74 2.37
CA THR B 131 -16.88 -4.29 1.04
C THR B 131 -16.08 -5.57 0.89
N ILE B 132 -16.75 -6.65 0.50
CA ILE B 132 -16.10 -7.88 0.05
C ILE B 132 -15.74 -7.69 -1.42
N PRO B 133 -14.46 -7.63 -1.77
CA PRO B 133 -14.11 -7.28 -3.15
C PRO B 133 -14.39 -8.41 -4.13
N SER B 134 -14.56 -8.02 -5.39
CA SER B 134 -14.69 -8.98 -6.49
C SER B 134 -13.32 -9.23 -7.10
N ILE B 135 -13.25 -10.23 -7.96
CA ILE B 135 -12.03 -10.53 -8.72
C ILE B 135 -12.12 -9.83 -10.06
N ASN B 136 -11.05 -9.11 -10.43
CA ASN B 136 -10.91 -8.52 -11.75
C ASN B 136 -12.06 -7.57 -12.07
N ASN B 137 -12.59 -6.91 -11.04
CA ASN B 137 -13.68 -5.94 -11.18
C ASN B 137 -14.84 -6.51 -11.98
N GLU B 138 -15.05 -7.83 -11.90
CA GLU B 138 -16.13 -8.46 -12.64
C GLU B 138 -17.49 -8.15 -12.03
N THR B 139 -17.54 -8.01 -10.70
CA THR B 139 -18.75 -7.69 -9.97
C THR B 139 -18.52 -6.43 -9.13
N PRO B 140 -19.56 -5.64 -8.86
CA PRO B 140 -19.48 -4.73 -7.73
C PRO B 140 -19.28 -5.53 -6.46
N GLY B 141 -18.47 -5.02 -5.55
CA GLY B 141 -18.26 -5.70 -4.29
C GLY B 141 -19.55 -5.92 -3.53
N ILE B 142 -19.50 -6.81 -2.55
CA ILE B 142 -20.64 -7.04 -1.67
C ILE B 142 -20.51 -6.11 -0.47
N ARG B 143 -21.58 -5.36 -0.21
CA ARG B 143 -21.53 -4.23 0.71
C ARG B 143 -22.38 -4.54 1.95
N TYR B 144 -21.76 -4.48 3.12
CA TYR B 144 -22.44 -4.66 4.39
C TYR B 144 -22.14 -3.48 5.31
N GLN B 145 -22.99 -3.33 6.33
CA GLN B 145 -22.70 -2.50 7.49
C GLN B 145 -23.07 -3.29 8.74
N TYR B 146 -22.57 -2.83 9.89
CA TYR B 146 -22.74 -3.56 11.13
C TYR B 146 -24.01 -3.12 11.87
N ASN B 147 -24.72 -4.12 12.41
CA ASN B 147 -25.88 -3.87 13.26
C ASN B 147 -25.54 -3.97 14.73
N VAL B 148 -24.42 -4.61 15.08
CA VAL B 148 -23.99 -4.78 16.46
C VAL B 148 -22.63 -4.13 16.61
N LEU B 149 -22.15 -4.10 17.85
CA LEU B 149 -20.83 -3.57 18.14
C LEU B 149 -19.78 -4.40 17.40
N PRO B 150 -19.02 -3.81 16.49
CA PRO B 150 -18.02 -4.58 15.75
C PRO B 150 -16.70 -4.70 16.49
N GLN B 151 -16.06 -5.85 16.30
CA GLN B 151 -14.69 -6.01 16.78
C GLN B 151 -13.77 -5.08 16.01
N GLY B 152 -12.77 -4.55 16.71
CA GLY B 152 -11.80 -3.66 16.12
C GLY B 152 -12.15 -2.19 16.20
N TRP B 153 -13.41 -1.85 16.44
CA TRP B 153 -13.81 -0.47 16.67
C TRP B 153 -13.62 -0.15 18.15
N LYS B 154 -12.84 0.91 18.42
CA LYS B 154 -12.48 1.23 19.80
C LYS B 154 -13.67 1.67 20.64
N GLY B 155 -14.78 2.05 20.00
CA GLY B 155 -16.02 2.31 20.71
C GLY B 155 -16.74 1.08 21.23
N SER B 156 -16.40 -0.11 20.70
CA SER B 156 -17.03 -1.33 21.19
C SER B 156 -16.63 -1.66 22.63
N PRO B 157 -15.34 -1.72 22.99
CA PRO B 157 -15.00 -1.92 24.42
C PRO B 157 -15.50 -0.79 25.31
N ALA B 158 -15.55 0.43 24.79
CA ALA B 158 -16.02 1.55 25.60
C ALA B 158 -17.51 1.42 25.91
N ILE B 159 -18.32 1.02 24.93
CA ILE B 159 -19.74 0.84 25.17
C ILE B 159 -19.97 -0.34 26.12
N PHE B 160 -19.21 -1.43 25.94
CA PHE B 160 -19.36 -2.62 26.75
C PHE B 160 -18.74 -2.47 28.13
N GLN B 161 -17.96 -1.41 28.37
CA GLN B 161 -17.17 -1.28 29.59
C GLN B 161 -17.99 -1.51 30.86
N SER B 162 -19.21 -1.00 30.89
CA SER B 162 -20.07 -1.17 32.07
C SER B 162 -20.42 -2.63 32.31
N SER B 163 -20.79 -3.36 31.25
CA SER B 163 -21.12 -4.78 31.40
C SER B 163 -19.90 -5.58 31.85
N MET B 164 -18.72 -5.24 31.33
CA MET B 164 -17.50 -5.96 31.69
C MET B 164 -17.13 -5.74 33.15
N THR B 165 -17.22 -4.49 33.63
CA THR B 165 -16.96 -4.20 35.04
C THR B 165 -17.92 -4.99 35.93
N LYS B 166 -19.18 -5.10 35.52
CA LYS B 166 -20.17 -5.84 36.29
C LYS B 166 -19.82 -7.33 36.35
N ILE B 167 -19.48 -7.92 35.20
CA ILE B 167 -19.19 -9.35 35.16
C ILE B 167 -17.93 -9.67 35.96
N LEU B 168 -16.94 -8.78 35.93
CA LEU B 168 -15.68 -9.01 36.63
C LEU B 168 -15.72 -8.62 38.10
N GLU B 169 -16.78 -7.94 38.55
CA GLU B 169 -16.84 -7.49 39.94
C GLU B 169 -16.72 -8.63 40.95
N PRO B 170 -17.40 -9.77 40.81
CA PRO B 170 -17.14 -10.87 41.76
C PRO B 170 -15.71 -11.37 41.74
N PHE B 171 -15.12 -11.60 40.55
CA PHE B 171 -13.78 -12.19 40.49
C PHE B 171 -12.74 -11.25 41.09
N LYS B 172 -12.85 -9.95 40.80
CA LYS B 172 -11.90 -9.00 41.40
C LYS B 172 -12.07 -8.94 42.91
N LYS B 173 -13.28 -9.14 43.41
CA LYS B 173 -13.51 -9.22 44.85
C LYS B 173 -12.74 -10.40 45.46
N GLN B 174 -12.84 -11.58 44.84
CA GLN B 174 -12.21 -12.76 45.40
C GLN B 174 -10.68 -12.69 45.29
N ASN B 175 -10.16 -11.97 44.29
CA ASN B 175 -8.72 -11.91 44.03
C ASN B 175 -8.32 -10.44 43.96
N PRO B 176 -8.00 -9.82 45.11
CA PRO B 176 -7.74 -8.37 45.11
C PRO B 176 -6.37 -7.97 44.58
N ASP B 177 -5.44 -8.91 44.40
CA ASP B 177 -4.10 -8.57 43.96
C ASP B 177 -3.86 -8.88 42.48
N ILE B 178 -4.89 -9.34 41.76
CA ILE B 178 -4.78 -9.60 40.34
C ILE B 178 -5.19 -8.35 39.58
N VAL B 179 -4.40 -7.99 38.57
CA VAL B 179 -4.65 -6.79 37.76
C VAL B 179 -5.28 -7.22 36.45
N ILE B 180 -6.37 -6.54 36.07
CA ILE B 180 -7.09 -6.85 34.83
C ILE B 180 -7.26 -5.56 34.04
N TYR B 181 -6.72 -5.53 32.83
CA TYR B 181 -6.80 -4.38 31.93
C TYR B 181 -7.35 -4.82 30.59
N GLN B 182 -8.24 -4.02 30.02
CA GLN B 182 -8.86 -4.30 28.74
C GLN B 182 -8.36 -3.29 27.71
N TYR B 183 -7.74 -3.79 26.65
CA TYR B 183 -7.42 -2.98 25.48
C TYR B 183 -8.13 -3.60 24.29
N MET B 184 -9.15 -2.89 23.79
CA MET B 184 -9.96 -3.33 22.66
C MET B 184 -10.58 -4.70 22.92
N ASP B 185 -10.22 -5.71 22.12
CA ASP B 185 -10.88 -7.01 22.17
C ASP B 185 -10.25 -7.99 23.14
N ASP B 186 -9.36 -7.54 24.02
CA ASP B 186 -8.60 -8.48 24.83
C ASP B 186 -8.55 -8.03 26.28
N LEU B 187 -8.48 -9.02 27.17
CA LEU B 187 -8.24 -8.82 28.58
C LEU B 187 -6.79 -9.20 28.91
N TYR B 188 -6.13 -8.36 29.69
CA TYR B 188 -4.77 -8.62 30.15
C TYR B 188 -4.82 -8.85 31.66
N VAL B 189 -4.43 -10.05 32.08
CA VAL B 189 -4.60 -10.50 33.46
C VAL B 189 -3.22 -10.83 34.03
N GLY B 190 -2.83 -10.11 35.07
CA GLY B 190 -1.48 -10.20 35.61
C GLY B 190 -1.48 -10.56 37.09
N SER B 191 -0.52 -11.42 37.48
CA SER B 191 -0.39 -11.83 38.87
C SER B 191 1.07 -12.15 39.16
N ASP B 192 1.45 -11.97 40.42
CA ASP B 192 2.78 -12.35 40.90
C ASP B 192 2.82 -13.79 41.42
N LEU B 193 1.76 -14.56 41.20
CA LEU B 193 1.69 -15.92 41.70
C LEU B 193 2.66 -16.82 40.95
N GLU B 194 2.81 -18.05 41.46
CA GLU B 194 3.53 -19.08 40.75
C GLU B 194 2.81 -19.42 39.45
N ILE B 195 3.57 -19.95 38.49
CA ILE B 195 3.07 -20.14 37.14
C ILE B 195 1.82 -21.02 37.13
N GLY B 196 1.97 -22.28 37.55
CA GLY B 196 0.81 -23.17 37.59
C GLY B 196 -0.31 -22.64 38.44
N GLN B 197 0.03 -21.91 39.51
CA GLN B 197 -0.99 -21.25 40.32
C GLN B 197 -1.59 -20.06 39.56
N HIS B 198 -0.80 -19.40 38.72
CA HIS B 198 -1.33 -18.28 37.94
C HIS B 198 -2.30 -18.77 36.86
N ARG B 199 -1.94 -19.85 36.16
CA ARG B 199 -2.82 -20.38 35.13
C ARG B 199 -4.10 -20.96 35.71
N THR B 200 -4.08 -21.36 36.98
CA THR B 200 -5.32 -21.78 37.63
C THR B 200 -6.26 -20.59 37.82
N LYS B 201 -5.74 -19.47 38.28
CA LYS B 201 -6.56 -18.26 38.39
C LYS B 201 -7.09 -17.81 37.03
N ILE B 202 -6.30 -18.00 35.98
CA ILE B 202 -6.75 -17.64 34.64
C ILE B 202 -7.91 -18.54 34.21
N GLU B 203 -7.81 -19.84 34.50
CA GLU B 203 -8.89 -20.76 34.14
C GLU B 203 -10.15 -20.48 34.95
N GLU B 204 -9.98 -20.15 36.24
CA GLU B 204 -11.12 -19.73 37.05
C GLU B 204 -11.84 -18.55 36.42
N LEU B 205 -11.09 -17.49 36.08
CA LEU B 205 -11.68 -16.33 35.44
C LEU B 205 -12.37 -16.69 34.14
N ARG B 206 -11.73 -17.53 33.32
CA ARG B 206 -12.36 -17.99 32.08
C ARG B 206 -13.71 -18.64 32.36
N GLN B 207 -13.75 -19.58 33.30
CA GLN B 207 -15.01 -20.26 33.61
C GLN B 207 -16.04 -19.29 34.17
N HIS B 208 -15.59 -18.32 34.98
CA HIS B 208 -16.49 -17.28 35.46
C HIS B 208 -17.09 -16.50 34.30
N LEU B 209 -16.27 -16.16 33.32
CA LEU B 209 -16.76 -15.44 32.15
C LEU B 209 -17.72 -16.30 31.33
N LEU B 210 -17.39 -17.59 31.16
CA LEU B 210 -18.23 -18.46 30.35
C LEU B 210 -19.59 -18.70 30.99
N ARG B 211 -19.64 -18.82 32.32
CA ARG B 211 -20.92 -19.02 32.98
C ARG B 211 -21.80 -17.77 32.92
N TRP B 212 -21.21 -16.61 32.66
CA TRP B 212 -21.97 -15.38 32.46
C TRP B 212 -22.18 -15.04 31.00
N GLY B 213 -21.82 -15.94 30.09
CA GLY B 213 -22.16 -15.80 28.69
C GLY B 213 -21.10 -15.20 27.79
N LEU B 214 -19.92 -14.91 28.31
CA LEU B 214 -18.84 -14.31 27.52
C LEU B 214 -17.87 -15.43 27.15
N THR B 215 -17.98 -15.89 25.90
CA THR B 215 -17.13 -16.97 25.43
C THR B 215 -15.72 -16.47 25.16
N THR B 216 -14.73 -17.26 25.59
CA THR B 216 -13.33 -17.02 25.31
C THR B 216 -12.69 -18.26 24.69
N PRO B 217 -11.77 -18.09 23.73
CA PRO B 217 -11.16 -19.23 23.03
C PRO B 217 -10.18 -20.03 23.90
N TYR B 232 -1.87 -17.38 25.53
N TYR B 232 0.92 -19.93 26.46
CA TYR B 232 -0.78 -16.47 25.27
CA TYR B 232 1.71 -18.74 26.14
C TYR B 232 -0.40 -15.71 26.55
C TYR B 232 1.26 -17.56 27.00
N GLU B 233 0.71 -16.10 27.16
N GLU B 233 2.12 -17.16 27.93
CA GLU B 233 1.16 -15.54 28.42
CA GLU B 233 1.89 -15.99 28.75
C GLU B 233 2.50 -14.84 28.25
C GLU B 233 3.06 -15.02 28.60
N LEU B 234 2.67 -13.73 28.97
N LEU B 234 2.78 -13.76 28.87
CA LEU B 234 3.84 -12.88 28.90
CA LEU B 234 3.81 -12.74 28.89
C LEU B 234 4.45 -12.75 30.28
C LEU B 234 4.41 -12.64 30.29
N HIS B 235 5.61 -12.09 30.35
CA HIS B 235 6.32 -11.90 31.61
C HIS B 235 7.03 -10.55 31.58
N PRO B 236 6.34 -9.49 32.03
CA PRO B 236 6.93 -8.15 31.95
C PRO B 236 8.07 -7.93 32.92
N ASP B 237 8.24 -8.79 33.92
CA ASP B 237 9.35 -8.65 34.86
C ASP B 237 10.69 -8.75 34.16
N LYS B 238 10.78 -9.58 33.11
CA LYS B 238 12.06 -9.76 32.41
C LYS B 238 12.40 -8.57 31.50
N TRP B 239 11.40 -7.88 30.97
CA TRP B 239 11.63 -6.79 30.03
C TRP B 239 12.46 -5.68 30.66
N THR B 240 13.15 -4.91 29.83
CA THR B 240 14.00 -3.80 30.29
C THR B 240 14.49 -3.09 29.04
N VAL B 241 15.27 -2.04 29.26
CA VAL B 241 15.99 -1.36 28.19
C VAL B 241 17.38 -1.99 28.10
N GLN B 242 17.72 -2.49 26.92
CA GLN B 242 18.96 -3.23 26.76
C GLN B 242 20.16 -2.28 26.84
N PRO B 243 21.25 -2.71 27.47
CA PRO B 243 22.45 -1.88 27.53
C PRO B 243 23.39 -2.14 26.35
N ILE B 244 24.08 -1.07 25.96
CA ILE B 244 25.00 -1.15 24.83
C ILE B 244 26.16 -2.08 25.18
N VAL B 245 26.44 -3.03 24.28
CA VAL B 245 27.47 -4.04 24.50
C VAL B 245 28.67 -3.71 23.62
N LEU B 246 29.86 -3.87 24.20
CA LEU B 246 31.11 -3.67 23.48
C LEU B 246 31.87 -4.99 23.37
N PRO B 247 32.58 -5.19 22.27
CA PRO B 247 33.25 -6.49 22.07
C PRO B 247 34.46 -6.63 22.99
N GLU B 248 34.98 -7.85 23.02
CA GLU B 248 36.23 -8.15 23.72
C GLU B 248 37.06 -9.07 22.83
N LYS B 249 38.10 -8.53 22.22
CA LYS B 249 38.99 -9.27 21.35
C LYS B 249 40.20 -9.76 22.12
N ASP B 250 40.79 -10.86 21.64
CA ASP B 250 42.10 -11.26 22.14
C ASP B 250 43.21 -10.48 21.46
N SER B 251 43.00 -10.07 20.21
CA SER B 251 43.89 -9.14 19.52
C SER B 251 43.05 -8.17 18.70
N TRP B 252 43.30 -6.89 18.86
CA TRP B 252 42.53 -5.83 18.20
C TRP B 252 43.31 -5.30 17.00
N THR B 253 42.64 -5.17 15.87
CA THR B 253 43.24 -4.53 14.71
C THR B 253 42.93 -3.03 14.72
N VAL B 254 43.56 -2.32 13.78
CA VAL B 254 43.22 -0.91 13.58
C VAL B 254 41.73 -0.77 13.27
N ASN B 255 41.22 -1.63 12.39
CA ASN B 255 39.82 -1.59 12.01
C ASN B 255 38.92 -1.85 13.21
N ASP B 256 39.30 -2.81 14.05
CA ASP B 256 38.51 -3.10 15.25
C ASP B 256 38.41 -1.89 16.16
N ILE B 257 39.53 -1.18 16.36
CA ILE B 257 39.52 -0.01 17.22
C ILE B 257 38.68 1.10 16.60
N GLN B 258 38.76 1.27 15.27
CA GLN B 258 37.98 2.30 14.60
C GLN B 258 36.48 2.09 14.83
N LYS B 259 36.01 0.86 14.66
CA LYS B 259 34.60 0.57 14.93
C LYS B 259 34.29 0.74 16.41
N LEU B 260 35.22 0.36 17.28
CA LEU B 260 35.04 0.60 18.70
C LEU B 260 34.99 2.09 19.01
N VAL B 261 35.80 2.88 18.30
CA VAL B 261 35.78 4.32 18.52
C VAL B 261 34.49 4.93 17.98
N GLY B 262 34.02 4.44 16.83
CA GLY B 262 32.78 4.96 16.27
C GLY B 262 31.56 4.63 17.14
N LYS B 263 31.51 3.41 17.68
CA LYS B 263 30.37 3.02 18.49
C LYS B 263 30.31 3.82 19.78
N LEU B 264 31.46 4.05 20.42
CA LEU B 264 31.49 4.88 21.61
C LEU B 264 31.13 6.33 21.29
N ASN B 265 31.50 6.80 20.11
CA ASN B 265 31.16 8.18 19.72
C ASN B 265 29.66 8.34 19.49
N TRP B 266 29.02 7.33 18.88
CA TRP B 266 27.58 7.35 18.71
C TRP B 266 26.87 7.33 20.06
N ALA B 267 27.38 6.54 21.01
CA ALA B 267 26.79 6.48 22.34
C ALA B 267 27.04 7.74 23.15
N SER B 268 27.98 8.59 22.72
CA SER B 268 28.26 9.83 23.45
C SER B 268 27.09 10.81 23.40
N GLN B 269 26.15 10.61 22.46
CA GLN B 269 24.97 11.46 22.39
C GLN B 269 23.97 11.13 23.49
N ILE B 270 23.92 9.89 23.94
CA ILE B 270 22.94 9.43 24.91
C ILE B 270 23.55 9.37 26.31
N TYR B 271 24.64 8.62 26.46
CA TYR B 271 25.37 8.56 27.73
C TYR B 271 26.49 9.59 27.69
N PRO B 272 26.45 10.64 28.51
CA PRO B 272 27.63 11.52 28.62
C PRO B 272 28.73 10.85 29.41
N GLY B 273 29.97 11.19 29.07
CA GLY B 273 31.11 10.76 29.85
C GLY B 273 31.94 9.65 29.24
N ILE B 274 31.49 9.06 28.14
CA ILE B 274 32.33 8.08 27.44
C ILE B 274 33.53 8.80 26.85
N LYS B 275 34.73 8.26 27.07
CA LYS B 275 35.96 8.88 26.62
C LYS B 275 36.60 8.03 25.52
N VAL B 276 37.19 8.71 24.54
CA VAL B 276 37.85 8.04 23.41
C VAL B 276 39.30 8.45 23.26
N ARG B 277 39.82 9.31 24.14
CA ARG B 277 41.16 9.85 23.96
C ARG B 277 42.21 8.75 23.97
N GLN B 278 42.20 7.91 25.01
CA GLN B 278 43.21 6.85 25.10
C GLN B 278 43.04 5.83 23.99
N LEU B 279 41.81 5.61 23.51
CA LEU B 279 41.61 4.69 22.41
C LEU B 279 42.04 5.29 21.08
N SER B 280 41.74 6.57 20.84
CA SER B 280 42.21 7.23 19.64
C SER B 280 43.72 7.27 19.57
N LYS B 281 44.37 7.40 20.74
CA LYS B 281 45.83 7.49 20.78
C LYS B 281 46.48 6.26 20.17
N LEU B 282 45.89 5.08 20.39
CA LEU B 282 46.41 3.85 19.82
C LEU B 282 46.39 3.83 18.29
N LEU B 283 45.68 4.77 17.66
CA LEU B 283 45.59 4.80 16.20
C LEU B 283 46.36 5.95 15.59
N ARG B 284 47.11 6.72 16.39
CA ARG B 284 47.91 7.81 15.86
C ARG B 284 48.85 7.30 14.78
N GLY B 285 48.94 8.05 13.69
CA GLY B 285 49.67 7.65 12.51
C GLY B 285 48.71 7.22 11.40
N THR B 286 49.31 6.84 10.27
CA THR B 286 48.55 6.39 9.10
C THR B 286 48.78 4.89 8.95
N LYS B 287 48.06 4.12 9.76
CA LYS B 287 48.31 2.70 9.90
C LYS B 287 47.46 1.89 8.93
N ALA B 288 47.93 0.69 8.64
CA ALA B 288 47.16 -0.26 7.86
C ALA B 288 46.00 -0.79 8.70
N LEU B 289 44.82 -0.91 8.09
CA LEU B 289 43.65 -1.40 8.80
C LEU B 289 43.91 -2.79 9.39
N THR B 290 44.66 -3.62 8.66
CA THR B 290 44.90 -5.00 9.08
C THR B 290 45.94 -5.12 10.19
N GLU B 291 46.65 -4.03 10.51
CA GLU B 291 47.70 -4.07 11.52
C GLU B 291 47.11 -4.36 12.90
N VAL B 292 47.84 -5.14 13.68
CA VAL B 292 47.42 -5.56 15.01
C VAL B 292 48.00 -4.60 16.04
N ILE B 293 47.14 -3.86 16.72
CA ILE B 293 47.55 -2.88 17.71
C ILE B 293 47.33 -3.49 19.10
N PRO B 294 48.36 -3.57 19.94
CA PRO B 294 48.13 -4.05 21.31
C PRO B 294 47.34 -3.02 22.11
N LEU B 295 46.45 -3.53 22.96
CA LEU B 295 45.67 -2.66 23.84
C LEU B 295 46.56 -2.20 24.98
N THR B 296 46.95 -0.92 24.97
CA THR B 296 47.74 -0.39 26.07
C THR B 296 46.94 -0.46 27.37
N GLU B 297 47.68 -0.36 28.48
CA GLU B 297 47.03 -0.37 29.79
C GLU B 297 46.10 0.83 29.95
N GLU B 298 46.52 2.01 29.49
CA GLU B 298 45.68 3.19 29.64
C GLU B 298 44.38 3.08 28.83
N ALA B 299 44.45 2.55 27.61
CA ALA B 299 43.23 2.41 26.81
C ALA B 299 42.33 1.32 27.36
N GLU B 300 42.91 0.21 27.84
CA GLU B 300 42.10 -0.86 28.41
C GLU B 300 41.23 -0.36 29.55
N LEU B 301 41.75 0.59 30.34
CA LEU B 301 40.95 1.18 31.42
C LEU B 301 39.81 2.03 30.86
N GLU B 302 40.08 2.85 29.84
CA GLU B 302 39.02 3.64 29.23
C GLU B 302 37.92 2.75 28.68
N LEU B 303 38.29 1.72 27.92
CA LEU B 303 37.31 0.74 27.48
C LEU B 303 36.62 0.07 28.66
N ALA B 304 37.37 -0.21 29.74
CA ALA B 304 36.76 -0.81 30.92
C ALA B 304 35.85 0.19 31.63
N GLU B 305 36.27 1.45 31.73
CA GLU B 305 35.43 2.47 32.35
C GLU B 305 34.16 2.68 31.54
N ASN B 306 34.27 2.68 30.22
CA ASN B 306 33.09 2.89 29.37
C ASN B 306 32.14 1.70 29.41
N ARG B 307 32.67 0.49 29.66
CA ARG B 307 31.80 -0.66 29.84
C ARG B 307 30.92 -0.54 31.08
N GLU B 308 31.27 0.35 32.01
CA GLU B 308 30.47 0.54 33.21
C GLU B 308 29.47 1.67 33.07
N ILE B 309 29.82 2.72 32.31
CA ILE B 309 28.87 3.80 32.07
C ILE B 309 27.68 3.28 31.26
N LEU B 310 27.92 2.33 30.36
CA LEU B 310 26.83 1.71 29.62
C LEU B 310 26.01 0.76 30.50
N LYS B 311 26.58 0.26 31.58
CA LYS B 311 25.81 -0.56 32.51
C LYS B 311 24.74 0.25 33.21
N GLU B 312 25.06 1.49 33.58
CA GLU B 312 24.09 2.35 34.22
C GLU B 312 23.02 2.79 33.22
N PRO B 313 21.80 3.02 33.67
CA PRO B 313 20.74 3.45 32.77
C PRO B 313 20.72 4.97 32.55
N VAL B 314 20.12 5.36 31.44
CA VAL B 314 19.97 6.78 31.11
C VAL B 314 19.00 7.44 32.08
N HIS B 315 19.13 8.75 32.22
CA HIS B 315 18.24 9.55 33.06
C HIS B 315 17.48 10.56 32.22
N GLY B 316 16.38 11.06 32.78
CA GLY B 316 15.61 12.11 32.16
C GLY B 316 14.62 11.66 31.10
N VAL B 317 14.38 10.36 30.96
CA VAL B 317 13.52 9.82 29.91
C VAL B 317 12.19 9.46 30.54
N TYR B 318 11.18 10.30 30.32
CA TYR B 318 9.86 10.11 30.89
C TYR B 318 8.82 10.03 29.77
N TYR B 319 7.87 9.11 29.93
CA TYR B 319 6.80 8.95 28.95
C TYR B 319 5.83 10.12 29.05
N ASP B 320 5.62 10.80 27.93
CA ASP B 320 4.58 11.81 27.80
C ASP B 320 3.35 11.17 27.17
N PRO B 321 2.20 11.15 27.85
CA PRO B 321 1.01 10.54 27.25
C PRO B 321 0.43 11.31 26.08
N SER B 322 0.77 12.60 25.93
CA SER B 322 0.21 13.39 24.85
C SER B 322 0.89 13.14 23.50
N LYS B 323 2.01 12.42 23.49
CA LYS B 323 2.82 12.27 22.29
C LYS B 323 2.74 10.85 21.75
N ASP B 324 2.88 10.74 20.43
CA ASP B 324 2.89 9.45 19.77
C ASP B 324 4.07 8.61 20.23
N LEU B 325 3.86 7.30 20.28
CA LEU B 325 4.94 6.34 20.46
C LEU B 325 5.44 5.90 19.10
N ILE B 326 6.77 5.76 18.99
CA ILE B 326 7.43 5.43 17.73
C ILE B 326 8.32 4.22 17.96
N ALA B 327 8.19 3.23 17.07
CA ALA B 327 8.98 2.00 17.14
C ALA B 327 9.75 1.84 15.84
N GLU B 328 11.07 1.72 15.96
CA GLU B 328 11.95 1.43 14.82
C GLU B 328 12.48 0.01 14.94
N ILE B 329 12.65 -0.65 13.80
CA ILE B 329 13.07 -2.04 13.74
C ILE B 329 14.21 -2.17 12.75
N GLN B 330 15.26 -2.88 13.13
CA GLN B 330 16.39 -3.16 12.25
C GLN B 330 16.55 -4.66 12.05
N LYS B 331 16.80 -5.06 10.81
CA LYS B 331 17.13 -6.43 10.50
C LYS B 331 18.61 -6.66 10.75
N GLN B 332 18.93 -7.56 11.68
CA GLN B 332 20.29 -7.87 12.05
C GLN B 332 20.79 -9.17 11.43
N GLY B 333 19.99 -9.79 10.56
CA GLY B 333 20.37 -11.07 9.99
C GLY B 333 20.22 -12.22 10.97
N GLN B 334 20.14 -13.44 10.43
CA GLN B 334 20.05 -14.66 11.25
C GLN B 334 18.83 -14.63 12.17
N GLY B 335 17.70 -14.16 11.63
CA GLY B 335 16.46 -14.17 12.38
C GLY B 335 16.40 -13.22 13.56
N GLN B 336 17.38 -12.34 13.73
CA GLN B 336 17.41 -11.40 14.83
C GLN B 336 16.97 -10.03 14.36
N TRP B 337 16.21 -9.34 15.21
CA TRP B 337 15.62 -8.04 14.88
C TRP B 337 15.67 -7.15 16.12
N THR B 338 16.50 -6.11 16.08
CA THR B 338 16.50 -5.14 17.16
C THR B 338 15.37 -4.13 16.97
N TYR B 339 14.99 -3.49 18.08
CA TYR B 339 13.93 -2.49 18.03
C TYR B 339 14.11 -1.48 19.14
N GLN B 340 13.63 -0.27 18.90
CA GLN B 340 13.65 0.80 19.89
C GLN B 340 12.31 1.51 19.87
N ILE B 341 11.78 1.81 21.05
CA ILE B 341 10.56 2.59 21.21
C ILE B 341 10.93 3.92 21.86
N TYR B 342 10.36 5.01 21.34
CA TYR B 342 10.70 6.35 21.82
C TYR B 342 9.61 7.31 21.40
N GLN B 343 9.75 8.57 21.83
CA GLN B 343 8.83 9.64 21.47
C GLN B 343 9.61 10.81 20.89
N GLU B 344 10.81 11.05 21.42
CA GLU B 344 11.75 12.03 20.90
C GLU B 344 13.08 11.33 20.65
N PRO B 345 13.76 11.65 19.56
CA PRO B 345 14.94 10.86 19.17
C PRO B 345 15.99 10.81 20.27
N PHE B 346 16.64 9.65 20.36
CA PHE B 346 17.71 9.36 21.34
C PHE B 346 17.22 9.34 22.77
N LYS B 347 15.91 9.21 22.99
CA LYS B 347 15.32 9.08 24.32
C LYS B 347 14.47 7.81 24.31
N ASN B 348 15.14 6.66 24.38
CA ASN B 348 14.51 5.38 24.13
C ASN B 348 13.81 4.89 25.40
N LEU B 349 12.48 4.89 25.38
CA LEU B 349 11.71 4.35 26.50
C LEU B 349 11.96 2.86 26.68
N LYS B 350 11.98 2.12 25.57
CA LYS B 350 12.32 0.70 25.61
C LYS B 350 13.12 0.34 24.37
N THR B 351 14.16 -0.47 24.58
CA THR B 351 14.86 -1.15 23.51
C THR B 351 14.78 -2.66 23.75
N GLY B 352 14.98 -3.42 22.69
CA GLY B 352 14.91 -4.86 22.83
C GLY B 352 15.34 -5.56 21.57
N LYS B 353 15.34 -6.88 21.65
CA LYS B 353 15.69 -7.72 20.51
C LYS B 353 14.70 -8.88 20.41
N TYR B 354 14.35 -9.24 19.18
CA TYR B 354 13.49 -10.37 18.88
C TYR B 354 14.29 -11.44 18.16
N ALA B 355 13.96 -12.70 18.42
CA ALA B 355 14.74 -13.82 17.91
C ALA B 355 13.80 -14.91 17.42
N ARG B 356 13.88 -15.23 16.14
CA ARG B 356 13.07 -16.28 15.51
C ARG B 356 13.90 -17.56 15.46
N MET B 357 13.54 -18.52 16.32
CA MET B 357 14.17 -19.84 16.32
C MET B 357 13.34 -20.80 15.46
N ARG B 358 13.38 -20.55 14.16
CA ARG B 358 12.60 -21.34 13.24
C ARG B 358 13.34 -21.76 11.98
N HIS B 361 11.98 -22.79 8.06
CA HIS B 361 10.55 -22.57 7.97
C HIS B 361 10.18 -21.10 8.01
N THR B 362 11.07 -20.23 8.46
CA THR B 362 10.78 -18.81 8.59
C THR B 362 11.16 -18.06 7.31
N ASN B 363 10.73 -16.80 7.27
CA ASN B 363 11.16 -15.86 6.24
C ASN B 363 11.15 -14.46 6.85
N ASP B 364 11.59 -13.47 6.07
CA ASP B 364 11.73 -12.11 6.59
C ASP B 364 10.39 -11.50 6.98
N VAL B 365 9.36 -11.70 6.15
CA VAL B 365 8.06 -11.10 6.42
C VAL B 365 7.43 -11.71 7.66
N LYS B 366 7.52 -13.04 7.80
CA LYS B 366 6.99 -13.71 8.99
C LYS B 366 7.64 -13.19 10.26
N GLN B 367 8.97 -13.00 10.23
CA GLN B 367 9.69 -12.53 11.41
C GLN B 367 9.34 -11.07 11.73
N LEU B 368 9.28 -10.20 10.72
CA LEU B 368 8.90 -8.82 10.96
C LEU B 368 7.47 -8.72 11.46
N THR B 369 6.55 -9.46 10.83
CA THR B 369 5.17 -9.49 11.28
C THR B 369 5.07 -9.95 12.73
N GLU B 370 5.80 -11.02 13.07
CA GLU B 370 5.80 -11.49 14.46
C GLU B 370 6.43 -10.47 15.39
N ALA B 371 7.50 -9.80 14.95
CA ALA B 371 8.17 -8.83 15.80
C ALA B 371 7.27 -7.62 16.06
N VAL B 372 6.53 -7.17 15.04
CA VAL B 372 5.64 -6.02 15.21
C VAL B 372 4.57 -6.32 16.26
N GLN B 373 4.05 -7.55 16.26
CA GLN B 373 3.03 -7.90 17.23
C GLN B 373 3.60 -7.99 18.64
N LYS B 374 4.83 -8.50 18.78
CA LYS B 374 5.46 -8.55 20.09
C LYS B 374 5.69 -7.14 20.63
N ILE B 375 6.18 -6.24 19.77
CA ILE B 375 6.45 -4.87 20.21
C ILE B 375 5.16 -4.15 20.58
N THR B 376 4.10 -4.36 19.80
CA THR B 376 2.82 -3.72 20.09
C THR B 376 2.24 -4.21 21.41
N THR B 377 2.28 -5.52 21.64
CA THR B 377 1.76 -6.07 22.89
C THR B 377 2.54 -5.52 24.09
N GLU B 378 3.88 -5.56 24.01
CA GLU B 378 4.70 -4.94 25.04
C GLU B 378 4.31 -3.48 25.24
N SER B 379 4.04 -2.77 24.15
CA SER B 379 3.65 -1.35 24.25
C SER B 379 2.28 -1.20 24.89
N ILE B 380 1.35 -2.12 24.59
CA ILE B 380 0.03 -2.08 25.22
C ILE B 380 0.14 -2.28 26.73
N VAL B 381 0.99 -3.22 27.15
CA VAL B 381 1.15 -3.50 28.58
C VAL B 381 1.72 -2.28 29.30
N ILE B 382 2.72 -1.63 28.71
CA ILE B 382 3.50 -0.62 29.44
C ILE B 382 2.78 0.72 29.45
N TRP B 383 2.22 1.15 28.32
CA TRP B 383 1.63 2.47 28.23
C TRP B 383 0.15 2.48 27.87
N GLY B 384 -0.40 1.38 27.38
CA GLY B 384 -1.82 1.34 27.06
C GLY B 384 -2.17 1.89 25.70
N LYS B 385 -1.22 1.99 24.78
CA LYS B 385 -1.51 2.38 23.42
C LYS B 385 -0.46 1.79 22.49
N THR B 386 -0.83 1.63 21.24
CA THR B 386 0.05 1.06 20.23
C THR B 386 1.01 2.11 19.69
N PRO B 387 2.24 1.71 19.37
CA PRO B 387 3.18 2.65 18.77
C PRO B 387 3.03 2.73 17.26
N LYS B 388 3.60 3.80 16.69
CA LYS B 388 3.66 3.95 15.25
C LYS B 388 4.97 3.37 14.74
N PHE B 389 4.88 2.46 13.78
CA PHE B 389 6.01 1.65 13.37
C PHE B 389 6.69 2.22 12.12
N LYS B 390 8.01 2.27 12.15
CA LYS B 390 8.82 2.58 10.98
C LYS B 390 9.42 1.25 10.51
N LEU B 391 8.82 0.68 9.45
CA LEU B 391 9.13 -0.70 9.05
C LEU B 391 10.20 -0.72 7.98
N PRO B 392 11.23 -1.56 8.13
CA PRO B 392 12.28 -1.68 7.10
C PRO B 392 11.87 -2.66 6.01
N ILE B 393 10.89 -2.25 5.20
CA ILE B 393 10.33 -3.10 4.16
C ILE B 393 9.64 -2.20 3.14
N GLN B 394 9.55 -2.70 1.90
CA GLN B 394 8.87 -1.97 0.84
C GLN B 394 7.37 -2.02 1.05
N LYS B 395 6.71 -0.86 0.89
CA LYS B 395 5.28 -0.70 1.17
C LYS B 395 4.42 -1.80 0.56
N GLU B 396 4.55 -2.01 -0.74
CA GLU B 396 3.68 -2.94 -1.44
C GLU B 396 3.90 -4.39 -1.00
N THR B 397 5.15 -4.74 -0.66
CA THR B 397 5.41 -6.09 -0.16
C THR B 397 4.72 -6.33 1.17
N TRP B 398 4.82 -5.35 2.08
CA TRP B 398 4.10 -5.46 3.36
C TRP B 398 2.60 -5.50 3.14
N GLU B 399 2.08 -4.65 2.26
CA GLU B 399 0.64 -4.63 2.01
C GLU B 399 0.13 -5.92 1.38
N THR B 400 1.01 -6.72 0.79
CA THR B 400 0.60 -7.97 0.14
C THR B 400 0.61 -9.15 1.10
N TRP B 401 1.58 -9.22 2.01
CA TRP B 401 1.80 -10.42 2.81
C TRP B 401 1.62 -10.25 4.31
N TRP B 402 1.28 -9.05 4.79
CA TRP B 402 1.27 -8.83 6.23
C TRP B 402 0.17 -9.61 6.94
N THR B 403 -0.92 -9.94 6.23
CA THR B 403 -1.98 -10.73 6.84
C THR B 403 -1.62 -12.20 6.96
N GLU B 404 -0.67 -12.68 6.15
CA GLU B 404 -0.35 -14.11 6.11
C GLU B 404 0.15 -14.63 7.46
N TYR B 405 0.66 -13.75 8.32
CA TYR B 405 1.10 -14.13 9.65
C TYR B 405 0.48 -13.28 10.75
N TRP B 406 -0.49 -12.42 10.42
CA TRP B 406 -1.09 -11.54 11.40
C TRP B 406 -2.12 -12.30 12.23
N GLN B 407 -1.92 -12.33 13.54
CA GLN B 407 -2.81 -13.06 14.44
C GLN B 407 -3.57 -12.16 15.41
N ALA B 408 -3.05 -10.96 15.70
CA ALA B 408 -3.72 -10.08 16.64
C ALA B 408 -5.00 -9.51 16.03
N THR B 409 -5.92 -9.12 16.91
CA THR B 409 -7.19 -8.55 16.50
C THR B 409 -7.12 -7.04 16.29
N TRP B 410 -6.04 -6.39 16.71
CA TRP B 410 -5.82 -4.97 16.47
C TRP B 410 -4.78 -4.78 15.36
N ILE B 411 -4.64 -3.54 14.92
CA ILE B 411 -3.67 -3.18 13.88
C ILE B 411 -3.04 -1.84 14.22
N PRO B 412 -1.72 -1.77 14.41
CA PRO B 412 -1.07 -0.48 14.67
C PRO B 412 -0.86 0.31 13.39
N GLU B 413 -0.53 1.58 13.56
CA GLU B 413 -0.15 2.42 12.43
C GLU B 413 1.29 2.12 12.02
N TRP B 414 1.58 2.30 10.74
CA TRP B 414 2.93 2.02 10.26
C TRP B 414 3.25 2.91 9.07
N GLU B 415 4.56 3.10 8.86
CA GLU B 415 5.10 3.71 7.67
C GLU B 415 6.39 2.96 7.32
N PHE B 416 6.92 3.24 6.13
CA PHE B 416 7.98 2.41 5.56
C PHE B 416 9.25 3.21 5.41
N VAL B 417 10.27 2.83 6.16
CA VAL B 417 11.57 3.50 6.16
C VAL B 417 12.37 2.95 4.99
N ASN B 418 12.60 3.79 3.98
CA ASN B 418 13.35 3.41 2.80
C ASN B 418 14.84 3.66 2.94
N THR B 419 15.24 4.52 3.88
CA THR B 419 16.65 4.76 4.15
C THR B 419 17.22 3.60 4.97
N PRO B 420 18.41 3.10 4.63
CA PRO B 420 18.99 2.02 5.42
C PRO B 420 19.47 2.53 6.78
N PRO B 421 19.46 1.69 7.79
N PRO B 421 19.36 1.71 7.82
CA PRO B 421 20.21 2.00 9.02
CA PRO B 421 19.95 2.13 9.12
C PRO B 421 21.68 1.66 8.87
C PRO B 421 21.44 2.40 9.04
N LEU B 422 22.51 2.70 8.77
N LEU B 422 22.09 2.04 7.92
CA LEU B 422 23.91 2.51 9.14
CA LEU B 422 23.52 2.23 7.71
C LEU B 422 24.05 2.38 10.65
C LEU B 422 24.31 1.48 8.78
N VAL B 423 22.94 2.49 11.38
N VAL B 423 24.54 2.14 9.91
CA VAL B 423 22.86 2.31 12.81
CA VAL B 423 25.34 1.58 10.98
C VAL B 423 22.53 0.85 13.09
C VAL B 423 24.45 0.92 12.01
N LYS B 424 22.75 0.00 12.09
N LYS B 424 23.53 0.05 11.53
CA LYS B 424 22.45 -1.43 12.25
CA LYS B 424 22.67 -0.72 12.42
C LYS B 424 23.40 -2.08 13.24
C LYS B 424 23.46 -1.59 13.39
N LEU B 425 24.72 -1.90 13.05
CA LEU B 425 25.64 -2.57 13.96
C LEU B 425 25.77 -1.87 15.30
N TRP B 426 25.37 -0.59 15.40
CA TRP B 426 25.35 0.07 16.69
C TRP B 426 24.46 -0.68 17.69
N TYR B 427 23.21 -0.95 17.30
CA TYR B 427 22.26 -1.64 18.16
C TYR B 427 22.43 -3.16 18.14
N GLN B 428 23.42 -3.68 17.43
CA GLN B 428 23.53 -5.11 17.19
C GLN B 428 23.74 -5.93 18.47
C12 VQ0 C . -16.76 -13.50 -21.30
N2 VQ0 C . -14.56 -14.54 -24.46
C11 VQ0 C . -16.89 -14.37 -20.24
C10 VQ0 C . -17.92 -14.16 -19.33
C9 VQ0 C . -18.79 -13.10 -19.46
C8 VQ0 C . -18.62 -12.21 -20.50
C1 VQ0 C . -17.69 -7.13 -24.40
C2 VQ0 C . -17.36 -8.00 -23.30
N1 VQ0 C . -17.89 -6.44 -25.29
C3 VQ0 C . -16.92 -7.46 -22.09
C7 VQ0 C . -17.65 -12.44 -21.44
O4 VQ0 C . -14.70 -16.81 -24.29
C4 VQ0 C . -16.62 -8.31 -21.05
C5 VQ0 C . -16.80 -9.68 -21.16
C6 VQ0 C . -17.22 -10.21 -22.36
O3 VQ0 C . -16.61 -14.83 -27.87
O2 VQ0 C . -15.76 -13.60 -22.23
O1 VQ0 C . -17.40 -11.58 -22.52
N3 VQ0 C . -15.65 -15.80 -26.08
C13 VQ0 C . -14.75 -14.59 -22.02
C18 VQ0 C . -14.96 -15.79 -24.89
C17 VQ0 C . -15.98 -14.68 -26.82
C16 VQ0 C . -15.55 -13.46 -26.32
C15 VQ0 C . -14.85 -13.40 -25.15
C14 VQ0 C . -13.82 -14.47 -23.19
C19 VQ0 C . -17.53 -9.37 -23.41
CL1 VQ0 C . -16.05 -7.69 -19.52
CL2 VQ0 C . -18.10 -15.27 -18.01
CL3 VQ0 C . -15.93 -12.02 -27.21
#